data_8JQP
#
_entry.id   8JQP
#
_cell.length_a   72.966
_cell.length_b   65.074
_cell.length_c   80.681
_cell.angle_alpha   90.000
_cell.angle_beta   107.550
_cell.angle_gamma   90.000
#
_symmetry.space_group_name_H-M   'P 1 21 1'
#
loop_
_entity.id
_entity.type
_entity.pdbx_description
1 polymer '4-hydroxybenzoate 3-monooxygenase (NAD(P)H)'
2 non-polymer 'FLAVIN-ADENINE DINUCLEOTIDE'
3 non-polymer '3,4-DIHYDROXYBENZOIC ACID'
4 non-polymer GLYCEROL
5 non-polymer 'CALCIUM ION'
6 water water
#
_entity_poly.entity_id   1
_entity_poly.type   'polypeptide(L)'
_entity_poly.pdbx_seq_one_letter_code
;MQLSHHHHHHSSGLVPRGSHMRTQVGIVGAGPAGLMLAHLLRREGIDAVVIERAAREHVRTRLRAGVLEQGTVEMLREAG
VGGRIDAVGMEMHAIDFRFGGRSHRLDFHEASGGRRAWVYPQHEVVTDLMSACDAGDVPILYEAPVERIEGLEDDRARIV
FGQDGAAGEITCDFVAGCDGFRGVSRGSMPAGIARGYDRIYPFGWLGILADAPPASPDVTWGCSDRGFAMMSMRSPTVTR
LYLQCEPDEDPDAWSDDRIWSELHRRLDVEGMPSLREGPIRDKGVTAMRSFLSEPMQHGRLFLAGDAAHIVPPTGAKGLN
SAMADIKVLAAALVDHYRHGRSDRLATYSERCLRRMWLVQRFSAALCTMVHQFPGQNEFVRRLQRADLDYMTGTHAGRLQ
FAENFTGLPIE
;
_entity_poly.pdbx_strand_id   A,B
#
loop_
_chem_comp.id
_chem_comp.type
_chem_comp.name
_chem_comp.formula
CA non-polymer 'CALCIUM ION' 'Ca 2'
DHB non-polymer '3,4-DIHYDROXYBENZOIC ACID' 'C7 H6 O4'
FAD non-polymer 'FLAVIN-ADENINE DINUCLEOTIDE' 'C27 H33 N9 O15 P2'
GOL non-polymer GLYCEROL 'C3 H8 O3'
#
# COMPACT_ATOMS: atom_id res chain seq x y z
N MET A 21 -3.17 -19.33 -17.68
CA MET A 21 -3.73 -19.01 -16.38
C MET A 21 -3.15 -19.91 -15.30
N ARG A 22 -2.41 -20.94 -15.70
CA ARG A 22 -1.59 -21.74 -14.79
C ARG A 22 -0.15 -21.65 -15.25
N THR A 23 0.77 -21.38 -14.32
CA THR A 23 2.19 -21.35 -14.65
C THR A 23 2.97 -21.89 -13.45
N GLN A 24 4.30 -21.90 -13.56
CA GLN A 24 5.04 -22.36 -12.40
C GLN A 24 5.36 -21.21 -11.44
N VAL A 25 5.99 -20.14 -11.92
CA VAL A 25 6.26 -18.96 -11.11
C VAL A 25 5.48 -17.77 -11.68
N GLY A 26 4.57 -17.21 -10.88
CA GLY A 26 3.92 -15.95 -11.25
C GLY A 26 4.73 -14.79 -10.72
N ILE A 27 5.03 -13.82 -11.58
CA ILE A 27 5.92 -12.72 -11.22
C ILE A 27 5.13 -11.42 -11.30
N VAL A 28 4.96 -10.74 -10.18
CA VAL A 28 4.20 -9.50 -10.15
C VAL A 28 5.21 -8.37 -10.32
N GLY A 29 5.14 -7.66 -11.44
CA GLY A 29 6.04 -6.55 -11.71
C GLY A 29 7.01 -6.83 -12.83
N ALA A 30 7.01 -6.02 -13.88
CA ALA A 30 8.01 -6.15 -14.94
C ALA A 30 9.05 -5.05 -14.84
N GLY A 31 9.48 -4.70 -13.62
CA GLY A 31 10.68 -3.91 -13.47
C GLY A 31 11.91 -4.78 -13.62
N PRO A 32 13.09 -4.25 -13.30
CA PRO A 32 14.29 -5.05 -13.47
C PRO A 32 14.26 -6.37 -12.69
N ALA A 33 13.79 -6.36 -11.44
CA ALA A 33 13.81 -7.60 -10.69
C ALA A 33 12.94 -8.64 -11.37
N GLY A 34 11.71 -8.27 -11.74
CA GLY A 34 10.79 -9.26 -12.28
C GLY A 34 11.26 -9.80 -13.63
N LEU A 35 11.80 -8.92 -14.48
CA LEU A 35 12.23 -9.36 -15.80
C LEU A 35 13.49 -10.21 -15.70
N MET A 36 14.41 -9.85 -14.81
CA MET A 36 15.59 -10.68 -14.64
C MET A 36 15.18 -12.06 -14.17
N LEU A 37 14.28 -12.13 -13.20
CA LEU A 37 13.85 -13.44 -12.72
C LEU A 37 13.22 -14.24 -13.85
N ALA A 38 12.32 -13.62 -14.62
CA ALA A 38 11.64 -14.35 -15.68
C ALA A 38 12.64 -14.93 -16.65
N HIS A 39 13.66 -14.14 -16.99
CA HIS A 39 14.66 -14.56 -17.96
C HIS A 39 15.54 -15.68 -17.42
N LEU A 40 16.06 -15.52 -16.20
CA LEU A 40 16.85 -16.59 -15.59
C LEU A 40 16.06 -17.87 -15.50
N LEU A 41 14.76 -17.79 -15.21
CA LEU A 41 13.94 -18.99 -15.14
C LEU A 41 13.73 -19.59 -16.52
N ARG A 42 13.51 -18.73 -17.52
CA ARG A 42 13.33 -19.18 -18.90
C ARG A 42 14.54 -19.97 -19.37
N ARG A 43 15.74 -19.48 -19.07
CA ARG A 43 16.94 -20.19 -19.51
C ARG A 43 17.02 -21.59 -18.89
N GLU A 44 16.36 -21.81 -17.77
CA GLU A 44 16.35 -23.09 -17.09
C GLU A 44 15.08 -23.89 -17.34
N GLY A 45 14.27 -23.47 -18.30
CA GLY A 45 13.05 -24.19 -18.63
C GLY A 45 11.93 -24.07 -17.62
N ILE A 46 12.04 -23.18 -16.65
CA ILE A 46 10.98 -22.99 -15.68
C ILE A 46 10.02 -21.93 -16.23
N ASP A 47 8.74 -22.26 -16.21
CA ASP A 47 7.72 -21.40 -16.81
C ASP A 47 7.38 -20.30 -15.83
N ALA A 48 7.24 -19.08 -16.36
CA ALA A 48 6.85 -17.93 -15.57
C ALA A 48 5.96 -17.04 -16.42
N VAL A 49 5.06 -16.32 -15.75
CA VAL A 49 4.28 -15.25 -16.36
C VAL A 49 4.55 -13.99 -15.54
N VAL A 50 4.77 -12.86 -16.22
CA VAL A 50 5.00 -11.57 -15.57
C VAL A 50 3.74 -10.74 -15.75
N ILE A 51 3.29 -10.11 -14.67
CA ILE A 51 2.07 -9.31 -14.71
C ILE A 51 2.42 -7.93 -14.21
N GLU A 52 2.22 -6.91 -15.05
CA GLU A 52 2.73 -5.55 -14.82
C GLU A 52 1.58 -4.56 -14.94
N ARG A 53 1.48 -3.62 -13.97
CA ARG A 53 0.33 -2.71 -13.98
C ARG A 53 0.46 -1.60 -15.02
N ALA A 54 1.68 -1.22 -15.39
CA ALA A 54 1.89 -0.08 -16.28
C ALA A 54 2.11 -0.53 -17.71
N ALA A 55 2.20 0.44 -18.61
CA ALA A 55 2.50 0.14 -20.01
C ALA A 55 3.98 -0.16 -20.18
N ARG A 56 4.28 -0.95 -21.20
CA ARG A 56 5.65 -1.37 -21.44
C ARG A 56 6.63 -0.20 -21.55
N GLU A 57 6.32 0.78 -22.40
CA GLU A 57 7.29 1.85 -22.62
C GLU A 57 7.42 2.74 -21.39
N HIS A 58 6.35 2.87 -20.60
CA HIS A 58 6.46 3.57 -19.31
C HIS A 58 7.46 2.87 -18.39
N VAL A 59 7.34 1.54 -18.24
CA VAL A 59 8.28 0.81 -17.39
C VAL A 59 9.69 0.96 -17.91
N ARG A 60 9.86 0.84 -19.23
CA ARG A 60 11.20 0.80 -19.81
C ARG A 60 11.96 2.09 -19.50
N THR A 61 11.26 3.23 -19.51
CA THR A 61 11.91 4.53 -19.51
C THR A 61 11.93 5.24 -18.16
N ARG A 62 11.43 4.63 -17.07
CA ARG A 62 11.58 5.25 -15.76
C ARG A 62 13.00 5.74 -15.54
N LEU A 63 13.12 6.96 -15.05
CA LEU A 63 14.43 7.56 -14.80
C LEU A 63 14.81 7.32 -13.35
N ARG A 64 15.66 6.32 -13.12
CA ARG A 64 16.10 6.06 -11.76
C ARG A 64 17.60 5.76 -11.74
N ALA A 65 17.93 4.48 -11.66
CA ALA A 65 19.30 4.06 -11.43
C ALA A 65 20.22 4.42 -12.58
N GLY A 66 21.47 4.73 -12.23
CA GLY A 66 22.53 4.92 -13.18
C GLY A 66 23.71 3.98 -13.02
N VAL A 67 23.99 3.49 -11.79
CA VAL A 67 25.27 2.84 -11.50
C VAL A 67 25.08 1.41 -11.05
N LEU A 68 25.86 0.50 -11.65
CA LEU A 68 25.84 -0.93 -11.35
C LEU A 68 27.09 -1.37 -10.60
N GLU A 69 26.88 -2.21 -9.60
CA GLU A 69 27.98 -2.92 -8.95
C GLU A 69 28.59 -3.94 -9.92
N GLN A 70 29.87 -4.25 -9.68
CA GLN A 70 30.55 -5.26 -10.50
C GLN A 70 29.78 -6.58 -10.54
N GLY A 71 29.32 -7.05 -9.37
CA GLY A 71 28.54 -8.27 -9.31
C GLY A 71 27.33 -8.26 -10.23
N THR A 72 26.61 -7.12 -10.25
CA THR A 72 25.47 -6.98 -11.13
C THR A 72 25.90 -7.06 -12.59
N VAL A 73 27.00 -6.40 -12.93
CA VAL A 73 27.52 -6.48 -14.31
C VAL A 73 27.84 -7.93 -14.67
N GLU A 74 28.52 -8.65 -13.76
CA GLU A 74 28.82 -10.06 -14.02
C GLU A 74 27.55 -10.87 -14.19
N MET A 75 26.55 -10.59 -13.37
CA MET A 75 25.30 -11.34 -13.47
C MET A 75 24.66 -11.14 -14.84
N LEU A 76 24.67 -9.89 -15.33
CA LEU A 76 24.02 -9.59 -16.61
C LEU A 76 24.76 -10.27 -17.73
N ARG A 77 26.09 -10.19 -17.71
CA ARG A 77 26.88 -10.88 -18.73
C ARG A 77 26.64 -12.38 -18.71
N GLU A 78 26.65 -12.99 -17.53
CA GLU A 78 26.43 -14.43 -17.45
C GLU A 78 25.07 -14.80 -17.99
N ALA A 79 24.08 -13.94 -17.78
CA ALA A 79 22.74 -14.21 -18.24
C ALA A 79 22.57 -13.97 -19.72
N GLY A 80 23.63 -13.52 -20.41
CA GLY A 80 23.54 -13.23 -21.82
C GLY A 80 22.94 -11.89 -22.18
N VAL A 81 22.80 -10.99 -21.22
CA VAL A 81 22.18 -9.69 -21.47
C VAL A 81 23.14 -8.55 -21.16
N GLY A 82 24.44 -8.82 -21.12
CA GLY A 82 25.43 -7.80 -20.84
C GLY A 82 26.22 -7.30 -22.02
N GLY A 83 25.90 -7.75 -23.25
CA GLY A 83 26.68 -7.39 -24.43
C GLY A 83 26.78 -5.90 -24.73
N ARG A 84 25.85 -5.08 -24.24
CA ARG A 84 25.89 -3.66 -24.56
C ARG A 84 26.62 -2.84 -23.50
N ILE A 85 27.00 -3.44 -22.37
CA ILE A 85 27.59 -2.69 -21.26
C ILE A 85 28.91 -2.06 -21.69
N ASP A 86 29.73 -2.82 -22.38
CA ASP A 86 31.01 -2.30 -22.85
C ASP A 86 30.81 -1.14 -23.82
N ALA A 87 29.78 -1.24 -24.66
CA ALA A 87 29.56 -0.27 -25.72
C ALA A 87 29.04 1.06 -25.16
N VAL A 88 28.00 1.01 -24.33
CA VAL A 88 27.33 2.22 -23.88
C VAL A 88 27.50 2.45 -22.38
N GLY A 89 28.04 1.49 -21.64
CA GLY A 89 28.39 1.72 -20.26
C GLY A 89 29.70 2.50 -20.11
N MET A 90 29.98 2.87 -18.87
CA MET A 90 31.17 3.66 -18.55
C MET A 90 31.75 3.10 -17.25
N GLU A 91 32.87 2.43 -17.35
CA GLU A 91 33.49 1.89 -16.15
C GLU A 91 33.92 3.04 -15.23
N MET A 92 33.66 2.87 -13.94
CA MET A 92 33.99 3.87 -12.93
C MET A 92 35.06 3.32 -12.00
N HIS A 93 36.02 4.17 -11.65
CA HIS A 93 37.06 3.81 -10.70
C HIS A 93 37.12 4.68 -9.46
N ALA A 94 36.53 5.89 -9.49
CA ALA A 94 36.65 6.81 -8.36
C ALA A 94 35.39 7.64 -8.21
N ILE A 95 35.17 8.11 -6.98
CA ILE A 95 34.21 9.15 -6.67
C ILE A 95 34.99 10.37 -6.23
N ASP A 96 34.66 11.53 -6.77
CA ASP A 96 35.27 12.79 -6.34
C ASP A 96 34.35 13.40 -5.30
N PHE A 97 34.78 13.39 -4.03
CA PHE A 97 34.02 14.00 -2.95
C PHE A 97 34.44 15.46 -2.83
N ARG A 98 33.50 16.37 -3.02
CA ARG A 98 33.75 17.81 -2.97
C ARG A 98 33.23 18.35 -1.65
N PHE A 99 34.12 18.86 -0.81
CA PHE A 99 33.73 19.46 0.45
C PHE A 99 34.90 20.33 0.91
N GLY A 100 34.58 21.29 1.77
CA GLY A 100 35.60 22.20 2.27
C GLY A 100 36.31 22.95 1.17
N GLY A 101 35.65 23.15 0.02
CA GLY A 101 36.22 23.86 -1.10
C GLY A 101 37.25 23.09 -1.89
N ARG A 102 37.36 21.79 -1.67
CA ARG A 102 38.41 21.00 -2.27
C ARG A 102 37.83 19.72 -2.87
N SER A 103 38.56 19.18 -3.83
CA SER A 103 38.25 17.89 -4.43
C SER A 103 38.98 16.79 -3.66
N HIS A 104 38.30 15.65 -3.46
CA HIS A 104 38.91 14.50 -2.78
C HIS A 104 38.54 13.27 -3.59
N ARG A 105 39.47 12.85 -4.45
CA ARG A 105 39.21 11.75 -5.38
C ARG A 105 39.54 10.43 -4.70
N LEU A 106 38.50 9.67 -4.36
CA LEU A 106 38.65 8.37 -3.70
C LEU A 106 38.62 7.27 -4.76
N ASP A 107 39.77 6.67 -5.02
CA ASP A 107 39.88 5.64 -6.04
C ASP A 107 39.42 4.33 -5.40
N PHE A 108 38.15 3.98 -5.60
CA PHE A 108 37.64 2.77 -4.99
C PHE A 108 38.02 1.52 -5.77
N HIS A 109 38.50 1.68 -7.01
CA HIS A 109 39.07 0.53 -7.72
C HIS A 109 40.31 0.03 -6.99
N GLU A 110 41.20 0.95 -6.61
CA GLU A 110 42.38 0.60 -5.85
C GLU A 110 42.03 0.14 -4.45
N ALA A 111 41.11 0.84 -3.78
CA ALA A 111 40.86 0.52 -2.38
C ALA A 111 40.04 -0.76 -2.20
N SER A 112 39.37 -1.25 -3.25
CA SER A 112 38.60 -2.49 -3.15
C SER A 112 39.39 -3.69 -3.62
N GLY A 113 40.67 -3.53 -3.92
CA GLY A 113 41.42 -4.66 -4.46
C GLY A 113 40.99 -4.99 -5.87
N GLY A 114 40.66 -3.97 -6.66
CA GLY A 114 40.44 -4.12 -8.08
C GLY A 114 39.00 -4.24 -8.54
N ARG A 115 38.03 -4.00 -7.66
CA ARG A 115 36.65 -4.09 -8.10
C ARG A 115 36.18 -2.74 -8.62
N ARG A 116 35.09 -2.75 -9.39
CA ARG A 116 34.66 -1.53 -10.06
C ARG A 116 33.15 -1.40 -9.99
N ALA A 117 32.69 -0.28 -10.52
CA ALA A 117 31.29 -0.04 -10.78
C ALA A 117 31.21 0.50 -12.19
N TRP A 118 30.01 0.51 -12.75
CA TRP A 118 29.76 0.98 -14.11
C TRP A 118 28.59 1.93 -14.10
N VAL A 119 28.70 3.00 -14.90
CA VAL A 119 27.50 3.70 -15.35
C VAL A 119 26.86 2.84 -16.42
N TYR A 120 25.66 2.36 -16.15
CA TYR A 120 24.88 1.62 -17.15
C TYR A 120 23.44 1.75 -16.68
N PRO A 121 22.69 2.70 -17.24
CA PRO A 121 21.44 3.14 -16.58
C PRO A 121 20.33 2.10 -16.61
N GLN A 122 19.44 2.25 -15.63
CA GLN A 122 18.33 1.32 -15.46
C GLN A 122 17.53 1.11 -16.75
N HIS A 123 17.24 2.18 -17.51
CA HIS A 123 16.43 1.99 -18.71
C HIS A 123 17.14 1.09 -19.72
N GLU A 124 18.48 1.12 -19.75
CA GLU A 124 19.20 0.20 -20.63
C GLU A 124 19.10 -1.23 -20.13
N VAL A 125 19.25 -1.43 -18.80
CA VAL A 125 19.08 -2.76 -18.22
C VAL A 125 17.70 -3.30 -18.54
N VAL A 126 16.68 -2.48 -18.33
CA VAL A 126 15.33 -2.98 -18.54
C VAL A 126 15.09 -3.25 -20.02
N THR A 127 15.62 -2.39 -20.89
CA THR A 127 15.50 -2.65 -22.33
C THR A 127 16.13 -3.99 -22.69
N ASP A 128 17.31 -4.26 -22.13
CA ASP A 128 18.00 -5.53 -22.35
C ASP A 128 17.18 -6.70 -21.84
N LEU A 129 16.62 -6.56 -20.63
CA LEU A 129 15.88 -7.67 -20.05
C LEU A 129 14.57 -7.90 -20.79
N MET A 130 13.86 -6.82 -21.15
CA MET A 130 12.64 -6.97 -21.94
C MET A 130 12.94 -7.70 -23.26
N SER A 131 14.01 -7.29 -23.94
CA SER A 131 14.36 -7.94 -25.21
C SER A 131 14.63 -9.43 -25.00
N ALA A 132 15.34 -9.77 -23.91
CA ALA A 132 15.67 -11.16 -23.64
C ALA A 132 14.42 -11.98 -23.29
N CYS A 133 13.51 -11.39 -22.49
CA CYS A 133 12.26 -12.06 -22.17
C CYS A 133 11.39 -12.23 -23.42
N ASP A 134 11.36 -11.19 -24.27
CA ASP A 134 10.55 -11.30 -25.49
C ASP A 134 11.11 -12.39 -26.40
N ALA A 135 12.44 -12.43 -26.56
CA ALA A 135 13.05 -13.45 -27.41
C ALA A 135 12.79 -14.85 -26.89
N GLY A 136 12.66 -15.01 -25.57
CA GLY A 136 12.38 -16.28 -24.94
C GLY A 136 10.90 -16.61 -24.84
N ASP A 137 10.04 -15.81 -25.45
CA ASP A 137 8.59 -16.00 -25.38
C ASP A 137 8.06 -16.05 -23.95
N VAL A 138 8.69 -15.31 -23.04
CA VAL A 138 8.15 -15.15 -21.69
C VAL A 138 6.87 -14.33 -21.82
N PRO A 139 5.71 -14.81 -21.39
CA PRO A 139 4.48 -13.99 -21.45
C PRO A 139 4.57 -12.85 -20.45
N ILE A 140 4.34 -11.62 -20.93
CA ILE A 140 4.32 -10.47 -20.05
C ILE A 140 3.01 -9.74 -20.32
N LEU A 141 2.22 -9.56 -19.25
CA LEU A 141 0.94 -8.87 -19.30
C LEU A 141 1.14 -7.43 -18.85
N TYR A 142 0.95 -6.45 -19.76
CA TYR A 142 1.07 -5.05 -19.37
C TYR A 142 -0.31 -4.44 -19.15
N GLU A 143 -0.33 -3.30 -18.46
CA GLU A 143 -1.58 -2.62 -18.12
C GLU A 143 -2.54 -3.60 -17.44
N ALA A 144 -1.95 -4.41 -16.56
CA ALA A 144 -2.62 -5.53 -15.90
C ALA A 144 -2.33 -5.43 -14.41
N PRO A 145 -2.93 -4.48 -13.71
CA PRO A 145 -2.64 -4.34 -12.27
C PRO A 145 -3.07 -5.57 -11.47
N VAL A 146 -2.14 -6.10 -10.69
CA VAL A 146 -2.49 -7.15 -9.75
C VAL A 146 -3.21 -6.51 -8.57
N GLU A 147 -4.38 -7.06 -8.24
CA GLU A 147 -5.23 -6.59 -7.14
C GLU A 147 -4.98 -7.35 -5.85
N ARG A 148 -4.84 -8.67 -5.92
CA ARG A 148 -4.69 -9.50 -4.73
C ARG A 148 -3.78 -10.66 -5.05
N ILE A 149 -3.03 -11.10 -4.05
CA ILE A 149 -2.27 -12.35 -4.10
C ILE A 149 -2.83 -13.25 -3.02
N GLU A 150 -3.34 -14.43 -3.40
CA GLU A 150 -4.06 -15.32 -2.50
C GLU A 150 -3.44 -16.70 -2.49
N GLY A 151 -3.86 -17.49 -1.51
CA GLY A 151 -3.49 -18.89 -1.45
C GLY A 151 -2.03 -19.13 -1.18
N LEU A 152 -1.40 -18.29 -0.34
CA LEU A 152 0.03 -18.42 -0.10
C LEU A 152 0.39 -19.76 0.55
N GLU A 153 -0.54 -20.36 1.27
CA GLU A 153 -0.31 -21.69 1.83
C GLU A 153 -1.28 -22.72 1.27
N ASP A 154 -1.99 -22.37 0.19
CA ASP A 154 -2.85 -23.32 -0.50
C ASP A 154 -1.97 -24.21 -1.37
N ASP A 155 -2.59 -25.13 -2.11
CA ASP A 155 -1.74 -26.01 -2.91
C ASP A 155 -1.12 -25.29 -4.10
N ARG A 156 -1.72 -24.17 -4.55
CA ARG A 156 -1.11 -23.25 -5.50
C ARG A 156 -1.60 -21.85 -5.21
N ALA A 157 -0.74 -20.85 -5.45
CA ALA A 157 -1.12 -19.48 -5.15
C ALA A 157 -1.95 -18.91 -6.30
N ARG A 158 -2.71 -17.87 -6.01
CA ARG A 158 -3.55 -17.19 -6.99
C ARG A 158 -3.17 -15.72 -7.09
N ILE A 159 -2.92 -15.26 -8.30
CA ILE A 159 -2.65 -13.85 -8.57
C ILE A 159 -3.87 -13.33 -9.29
N VAL A 160 -4.60 -12.41 -8.65
CA VAL A 160 -5.83 -11.85 -9.19
C VAL A 160 -5.50 -10.49 -9.78
N PHE A 161 -5.85 -10.27 -11.05
CA PHE A 161 -5.48 -9.03 -11.71
C PHE A 161 -6.64 -8.57 -12.57
N GLY A 162 -6.50 -7.39 -13.15
CA GLY A 162 -7.47 -6.88 -14.10
C GLY A 162 -6.74 -6.34 -15.31
N GLN A 163 -7.34 -6.53 -16.48
CA GLN A 163 -6.71 -6.12 -17.73
C GLN A 163 -7.78 -6.01 -18.80
N ASP A 164 -7.79 -4.89 -19.53
CA ASP A 164 -8.84 -4.59 -20.50
C ASP A 164 -10.21 -4.55 -19.83
N GLY A 165 -10.25 -4.18 -18.55
CA GLY A 165 -11.50 -4.16 -17.82
C GLY A 165 -12.06 -5.52 -17.44
N ALA A 166 -11.31 -6.61 -17.68
CA ALA A 166 -11.74 -7.95 -17.34
C ALA A 166 -10.86 -8.54 -16.25
N ALA A 167 -11.46 -9.32 -15.36
CA ALA A 167 -10.72 -9.94 -14.27
C ALA A 167 -9.95 -11.15 -14.76
N GLY A 168 -8.75 -11.36 -14.21
CA GLY A 168 -7.94 -12.50 -14.57
C GLY A 168 -7.35 -13.14 -13.34
N GLU A 169 -6.86 -14.37 -13.52
CA GLU A 169 -6.25 -15.06 -12.40
C GLU A 169 -5.19 -15.99 -12.93
N ILE A 170 -3.99 -15.90 -12.37
CA ILE A 170 -2.90 -16.80 -12.69
C ILE A 170 -2.62 -17.65 -11.47
N THR A 171 -2.66 -18.96 -11.65
CA THR A 171 -2.37 -19.91 -10.59
C THR A 171 -0.93 -20.33 -10.76
N CYS A 172 -0.19 -20.46 -9.65
CA CYS A 172 1.23 -20.78 -9.79
C CYS A 172 1.73 -21.51 -8.54
N ASP A 173 2.91 -22.12 -8.68
CA ASP A 173 3.54 -22.74 -7.51
C ASP A 173 4.10 -21.69 -6.58
N PHE A 174 4.68 -20.64 -7.13
CA PHE A 174 5.34 -19.62 -6.34
C PHE A 174 5.00 -18.26 -6.93
N VAL A 175 4.97 -17.27 -6.06
CA VAL A 175 4.72 -15.89 -6.46
C VAL A 175 5.96 -15.10 -6.11
N ALA A 176 6.50 -14.39 -7.10
CA ALA A 176 7.63 -13.52 -6.87
C ALA A 176 7.08 -12.11 -6.83
N GLY A 177 7.15 -11.49 -5.66
CA GLY A 177 6.70 -10.13 -5.50
C GLY A 177 7.81 -9.21 -5.96
N CYS A 178 7.73 -8.72 -7.19
CA CYS A 178 8.75 -7.86 -7.78
C CYS A 178 8.14 -6.53 -8.17
N ASP A 179 7.18 -6.03 -7.38
CA ASP A 179 6.34 -4.94 -7.83
C ASP A 179 6.71 -3.63 -7.15
N GLY A 180 7.91 -3.53 -6.59
CA GLY A 180 8.40 -2.24 -6.11
C GLY A 180 7.76 -1.81 -4.80
N PHE A 181 8.17 -0.62 -4.35
CA PHE A 181 7.86 -0.23 -3.00
C PHE A 181 6.37 -0.01 -2.83
N ARG A 182 5.73 0.45 -3.91
CA ARG A 182 4.31 0.80 -3.90
C ARG A 182 3.46 -0.29 -4.53
N GLY A 183 3.98 -1.51 -4.62
CA GLY A 183 3.23 -2.63 -5.15
C GLY A 183 2.24 -3.20 -4.14
N VAL A 184 1.70 -4.35 -4.52
CA VAL A 184 0.74 -5.07 -3.69
C VAL A 184 1.36 -6.26 -2.97
N SER A 185 2.51 -6.76 -3.45
CA SER A 185 3.00 -8.02 -2.89
C SER A 185 3.40 -7.86 -1.43
N ARG A 186 4.03 -6.74 -1.07
CA ARG A 186 4.47 -6.65 0.32
C ARG A 186 3.28 -6.71 1.27
N GLY A 187 2.19 -6.03 0.93
CA GLY A 187 1.01 -6.06 1.78
C GLY A 187 0.25 -7.37 1.73
N SER A 188 0.60 -8.27 0.81
CA SER A 188 0.00 -9.60 0.79
C SER A 188 0.64 -10.52 1.82
N MET A 189 1.81 -10.16 2.33
CA MET A 189 2.40 -10.90 3.43
C MET A 189 1.47 -10.82 4.63
N PRO A 190 1.20 -11.93 5.33
CA PRO A 190 0.40 -11.84 6.56
C PRO A 190 0.99 -10.83 7.52
N ALA A 191 0.21 -9.84 7.95
CA ALA A 191 0.80 -8.76 8.74
C ALA A 191 1.24 -9.22 10.11
N GLY A 192 0.68 -10.33 10.63
CA GLY A 192 1.18 -10.88 11.87
C GLY A 192 2.57 -11.49 11.75
N ILE A 193 3.02 -11.71 10.52
CA ILE A 193 4.32 -12.31 10.22
C ILE A 193 5.36 -11.24 9.95
N ALA A 194 4.94 -10.17 9.30
CA ALA A 194 5.84 -9.16 8.77
C ALA A 194 6.15 -8.10 9.81
N ARG A 195 7.37 -7.59 9.75
CA ARG A 195 7.78 -6.49 10.60
C ARG A 195 8.50 -5.50 9.70
N GLY A 196 8.07 -4.24 9.73
CA GLY A 196 8.71 -3.18 8.96
C GLY A 196 9.68 -2.37 9.81
N TYR A 197 10.72 -1.89 9.15
CA TYR A 197 11.67 -0.97 9.75
C TYR A 197 11.76 0.20 8.79
N ASP A 198 11.45 1.41 9.25
CA ASP A 198 11.19 2.52 8.35
C ASP A 198 11.76 3.80 8.90
N ARG A 199 12.47 4.55 8.05
CA ARG A 199 13.03 5.84 8.48
C ARG A 199 13.04 6.73 7.25
N ILE A 200 12.23 7.82 7.28
CA ILE A 200 12.23 8.79 6.20
C ILE A 200 13.23 9.88 6.55
N TYR A 201 13.98 10.37 5.52
CA TYR A 201 14.88 11.49 5.77
C TYR A 201 14.21 12.79 5.42
N PRO A 202 14.58 13.90 6.08
CA PRO A 202 13.86 15.18 5.95
C PRO A 202 14.29 15.98 4.72
N PHE A 203 14.38 15.30 3.58
CA PHE A 203 14.72 15.95 2.31
C PHE A 203 14.47 14.98 1.17
N GLY A 204 14.35 15.53 -0.05
CA GLY A 204 14.31 14.70 -1.23
C GLY A 204 15.46 14.97 -2.16
N TRP A 205 15.38 14.42 -3.37
CA TRP A 205 16.31 14.72 -4.45
C TRP A 205 15.52 15.30 -5.61
N LEU A 206 16.02 16.40 -6.16
CA LEU A 206 15.58 16.88 -7.46
C LEU A 206 16.58 16.35 -8.47
N GLY A 207 16.10 15.57 -9.45
CA GLY A 207 16.98 14.97 -10.44
C GLY A 207 16.70 15.53 -11.82
N ILE A 208 17.75 15.62 -12.63
CA ILE A 208 17.62 16.05 -14.02
C ILE A 208 18.58 15.24 -14.88
N LEU A 209 18.29 15.20 -16.19
CA LEU A 209 19.28 14.90 -17.21
C LEU A 209 19.61 16.19 -17.92
N ALA A 210 20.88 16.39 -18.25
CA ALA A 210 21.27 17.58 -19.01
C ALA A 210 22.07 17.18 -20.24
N ASP A 211 21.77 17.80 -21.38
CA ASP A 211 22.63 17.61 -22.56
C ASP A 211 23.79 18.57 -22.41
N ALA A 212 24.76 18.17 -21.57
CA ALA A 212 25.97 18.89 -21.20
C ALA A 212 27.04 17.84 -20.90
N PRO A 213 28.25 17.96 -21.43
CA PRO A 213 29.28 16.96 -21.13
C PRO A 213 29.68 17.05 -19.67
N PRO A 214 30.14 15.94 -19.07
CA PRO A 214 30.65 16.00 -17.69
C PRO A 214 31.92 16.84 -17.60
N ALA A 215 31.99 17.67 -16.55
CA ALA A 215 33.12 18.57 -16.39
C ALA A 215 34.39 17.85 -15.95
N SER A 216 34.26 16.68 -15.35
CA SER A 216 35.39 15.88 -14.91
C SER A 216 35.06 14.41 -15.15
N PRO A 217 36.07 13.54 -15.23
CA PRO A 217 35.81 12.16 -15.63
C PRO A 217 35.15 11.30 -14.55
N ASP A 218 35.11 11.76 -13.30
CA ASP A 218 34.58 10.98 -12.20
C ASP A 218 33.22 11.49 -11.76
N VAL A 219 32.33 10.57 -11.39
CA VAL A 219 31.12 10.96 -10.68
C VAL A 219 31.52 11.79 -9.47
N THR A 220 30.84 12.91 -9.27
CA THR A 220 31.30 13.92 -8.32
C THR A 220 30.19 14.20 -7.32
N TRP A 221 30.50 14.11 -6.03
CA TRP A 221 29.52 14.31 -4.97
C TRP A 221 29.81 15.63 -4.27
N GLY A 222 28.83 16.52 -4.25
CA GLY A 222 29.00 17.81 -3.61
C GLY A 222 28.43 17.76 -2.21
N CYS A 223 29.32 17.64 -1.23
CA CYS A 223 28.94 17.55 0.18
C CYS A 223 29.15 18.92 0.81
N SER A 224 28.22 19.84 0.53
CA SER A 224 28.35 21.25 0.89
C SER A 224 27.32 21.62 1.94
N ASP A 225 27.57 22.74 2.63
CA ASP A 225 26.67 23.18 3.69
C ASP A 225 25.38 23.78 3.14
N ARG A 226 25.28 23.96 1.81
CA ARG A 226 24.01 24.34 1.20
C ARG A 226 23.11 23.14 0.98
N GLY A 227 23.68 21.94 1.06
CA GLY A 227 22.99 20.72 0.70
C GLY A 227 23.81 19.89 -0.28
N PHE A 228 23.36 18.65 -0.43
CA PHE A 228 24.01 17.72 -1.32
C PHE A 228 23.75 18.08 -2.78
N ALA A 229 24.70 17.68 -3.62
CA ALA A 229 24.48 17.66 -5.06
C ALA A 229 25.37 16.57 -5.65
N MET A 230 25.02 16.11 -6.85
CA MET A 230 25.82 15.09 -7.52
C MET A 230 25.82 15.40 -9.01
N MET A 231 27.00 15.29 -9.61
CA MET A 231 27.15 15.27 -11.07
C MET A 231 27.52 13.85 -11.43
N SER A 232 26.60 13.11 -12.00
CA SER A 232 26.95 11.84 -12.58
C SER A 232 26.91 12.03 -14.09
N MET A 233 26.98 10.92 -14.81
CA MET A 233 27.08 11.03 -16.26
C MET A 233 26.34 9.87 -16.91
N ARG A 234 26.03 10.05 -18.18
CA ARG A 234 25.47 9.01 -19.03
C ARG A 234 26.30 8.75 -20.27
N SER A 235 27.03 9.73 -20.75
CA SER A 235 27.82 9.66 -21.97
C SER A 235 28.82 10.81 -21.94
N PRO A 236 29.73 10.92 -22.91
CA PRO A 236 30.57 12.12 -22.94
C PRO A 236 29.76 13.38 -23.20
N THR A 237 28.49 13.29 -23.59
CA THR A 237 27.71 14.49 -23.87
C THR A 237 26.45 14.63 -23.03
N VAL A 238 26.20 13.75 -22.06
CA VAL A 238 24.98 13.79 -21.24
C VAL A 238 25.36 13.60 -19.77
N THR A 239 24.90 14.51 -18.90
CA THR A 239 25.12 14.41 -17.47
C THR A 239 23.80 14.18 -16.73
N ARG A 240 23.90 13.49 -15.60
CA ARG A 240 22.81 13.18 -14.69
C ARG A 240 23.10 13.90 -13.38
N LEU A 241 22.23 14.82 -12.98
CA LEU A 241 22.52 15.63 -11.81
C LEU A 241 21.40 15.52 -10.78
N TYR A 242 21.78 15.58 -9.51
CA TYR A 242 20.87 15.61 -8.38
C TYR A 242 21.20 16.77 -7.45
N LEU A 243 20.15 17.37 -6.88
CA LEU A 243 20.21 18.37 -5.83
C LEU A 243 19.37 17.91 -4.65
N GLN A 244 19.92 17.99 -3.43
CA GLN A 244 19.05 17.85 -2.27
C GLN A 244 18.01 18.96 -2.28
N CYS A 245 16.77 18.60 -1.96
CA CYS A 245 15.67 19.56 -1.94
C CYS A 245 14.78 19.24 -0.76
N GLU A 246 13.73 20.04 -0.56
CA GLU A 246 12.78 19.75 0.50
C GLU A 246 12.06 18.43 0.20
N PRO A 247 11.60 17.72 1.22
CA PRO A 247 10.78 16.54 0.94
C PRO A 247 9.50 16.97 0.26
N ASP A 248 9.06 16.18 -0.73
CA ASP A 248 7.79 16.45 -1.43
C ASP A 248 7.85 17.79 -2.19
N GLU A 249 9.07 18.18 -2.62
CA GLU A 249 9.26 19.46 -3.32
C GLU A 249 8.53 19.48 -4.67
N ASP A 250 8.13 20.67 -5.08
CA ASP A 250 7.45 20.87 -6.35
C ASP A 250 8.52 21.18 -7.40
N PRO A 251 8.72 20.34 -8.42
CA PRO A 251 9.69 20.69 -9.46
C PRO A 251 9.44 22.06 -10.07
N ASP A 252 8.19 22.56 -10.04
CA ASP A 252 7.90 23.85 -10.65
C ASP A 252 8.62 24.97 -9.94
N ALA A 253 8.97 24.77 -8.67
CA ALA A 253 9.68 25.80 -7.92
C ALA A 253 11.14 25.94 -8.33
N TRP A 254 11.63 25.08 -9.25
CA TRP A 254 13.03 25.07 -9.65
C TRP A 254 13.15 25.42 -11.13
N SER A 255 13.31 26.71 -11.43
CA SER A 255 13.69 27.09 -12.78
C SER A 255 15.06 26.50 -13.13
N ASP A 256 15.35 26.42 -14.43
CA ASP A 256 16.68 25.98 -14.85
C ASP A 256 17.76 26.82 -14.19
N ASP A 257 17.55 28.13 -14.11
CA ASP A 257 18.59 28.98 -13.55
C ASP A 257 18.82 28.63 -12.08
N ARG A 258 17.76 28.34 -11.35
CA ARG A 258 17.94 28.01 -9.94
C ARG A 258 18.67 26.70 -9.80
N ILE A 259 18.34 25.76 -10.67
CA ILE A 259 18.96 24.44 -10.68
C ILE A 259 20.46 24.57 -10.91
N TRP A 260 20.84 25.27 -11.99
CA TRP A 260 22.28 25.41 -12.25
C TRP A 260 22.96 26.23 -11.16
N SER A 261 22.26 27.23 -10.62
CA SER A 261 22.86 28.04 -9.55
C SER A 261 23.28 27.18 -8.38
N GLU A 262 22.34 26.36 -7.89
CA GLU A 262 22.66 25.51 -6.75
C GLU A 262 23.63 24.40 -7.13
N LEU A 263 23.52 23.83 -8.33
CA LEU A 263 24.52 22.83 -8.73
C LEU A 263 25.91 23.44 -8.72
N HIS A 264 26.08 24.63 -9.32
CA HIS A 264 27.41 25.24 -9.30
C HIS A 264 27.90 25.48 -7.87
N ARG A 265 27.03 26.03 -7.01
CA ARG A 265 27.42 26.35 -5.64
C ARG A 265 27.80 25.11 -4.84
N ARG A 266 27.19 23.97 -5.10
CA ARG A 266 27.43 22.79 -4.27
C ARG A 266 28.55 21.88 -4.80
N LEU A 267 28.90 22.01 -6.08
CA LEU A 267 29.84 21.13 -6.75
C LEU A 267 31.15 21.82 -7.11
N ASP A 268 31.08 23.02 -7.70
CA ASP A 268 32.29 23.65 -8.22
C ASP A 268 33.30 23.93 -7.11
N VAL A 269 34.58 23.64 -7.37
CA VAL A 269 35.68 24.04 -6.49
C VAL A 269 36.80 24.62 -7.33
N GLU A 270 37.61 25.46 -6.69
CA GLU A 270 38.71 26.10 -7.40
C GLU A 270 39.73 25.06 -7.79
N GLY A 271 40.24 25.18 -9.01
CA GLY A 271 41.20 24.21 -9.53
C GLY A 271 40.58 22.97 -10.14
N MET A 272 39.26 22.87 -10.17
CA MET A 272 38.63 21.85 -10.97
C MET A 272 37.72 22.50 -12.00
N PRO A 273 37.53 21.88 -13.15
CA PRO A 273 36.71 22.49 -14.19
C PRO A 273 35.30 22.75 -13.68
N SER A 274 34.71 23.85 -14.13
CA SER A 274 33.38 24.23 -13.71
C SER A 274 32.30 23.35 -14.38
N LEU A 275 31.23 23.09 -13.63
CA LEU A 275 30.10 22.36 -14.18
C LEU A 275 29.64 22.98 -15.50
N ARG A 276 29.37 22.13 -16.49
CA ARG A 276 28.82 22.58 -17.76
C ARG A 276 27.30 22.56 -17.76
N GLU A 277 26.71 23.58 -18.36
CA GLU A 277 25.26 23.65 -18.49
C GLU A 277 24.83 23.23 -19.88
N GLY A 278 23.59 22.76 -19.97
CA GLY A 278 22.96 22.47 -21.24
C GLY A 278 21.48 22.30 -21.00
N PRO A 279 20.73 22.01 -22.07
CA PRO A 279 19.28 21.82 -21.93
C PRO A 279 18.93 20.73 -20.94
N ILE A 280 17.86 20.96 -20.17
CA ILE A 280 17.46 20.10 -19.06
C ILE A 280 16.22 19.32 -19.45
N ARG A 281 16.16 18.06 -19.05
CA ARG A 281 14.95 17.29 -19.24
C ARG A 281 14.75 16.37 -18.05
N ASP A 282 13.53 15.82 -17.98
CA ASP A 282 13.20 14.77 -17.01
C ASP A 282 13.45 15.25 -15.58
N LYS A 283 13.04 16.48 -15.31
CA LYS A 283 13.09 17.01 -13.95
C LYS A 283 12.09 16.25 -13.09
N GLY A 284 12.51 15.85 -11.89
CA GLY A 284 11.61 15.11 -11.02
C GLY A 284 12.17 15.02 -9.61
N VAL A 285 11.27 14.80 -8.66
CA VAL A 285 11.61 14.79 -7.24
C VAL A 285 11.36 13.38 -6.70
N THR A 286 12.37 12.82 -6.04
CA THR A 286 12.27 11.48 -5.50
C THR A 286 12.51 11.53 -4.00
N ALA A 287 12.11 10.46 -3.32
CA ALA A 287 12.13 10.41 -1.87
C ALA A 287 13.45 9.88 -1.38
N MET A 288 13.72 10.12 -0.11
CA MET A 288 14.92 9.61 0.55
C MET A 288 14.44 8.84 1.77
N ARG A 289 14.50 7.50 1.70
CA ARG A 289 13.85 6.69 2.71
C ARG A 289 14.61 5.37 2.86
N SER A 290 14.80 4.90 4.10
CA SER A 290 15.33 3.58 4.38
C SER A 290 14.20 2.69 4.87
N PHE A 291 13.99 1.57 4.20
CA PHE A 291 12.88 0.70 4.61
C PHE A 291 13.28 -0.74 4.37
N LEU A 292 12.98 -1.59 5.34
CA LEU A 292 13.19 -3.02 5.15
C LEU A 292 12.05 -3.77 5.83
N SER A 293 11.54 -4.81 5.19
CA SER A 293 10.53 -5.65 5.83
C SER A 293 11.10 -7.05 6.02
N GLU A 294 10.86 -7.64 7.20
CA GLU A 294 11.20 -9.04 7.46
C GLU A 294 9.94 -9.81 7.78
N PRO A 295 9.83 -11.09 7.34
CA PRO A 295 10.75 -11.81 6.44
C PRO A 295 10.51 -11.43 4.99
N MET A 296 11.36 -11.90 4.07
CA MET A 296 11.17 -11.67 2.64
C MET A 296 10.43 -12.80 1.96
N GLN A 297 9.89 -13.75 2.72
CA GLN A 297 9.10 -14.83 2.16
C GLN A 297 8.08 -15.30 3.20
N HIS A 298 6.96 -15.83 2.71
CA HIS A 298 6.01 -16.56 3.53
C HIS A 298 5.24 -17.52 2.63
N GLY A 299 5.24 -18.81 2.97
CA GLY A 299 4.62 -19.78 2.09
C GLY A 299 5.13 -19.69 0.66
N ARG A 300 4.22 -19.48 -0.28
CA ARG A 300 4.60 -19.48 -1.67
C ARG A 300 5.01 -18.11 -2.19
N LEU A 301 5.02 -17.10 -1.32
CA LEU A 301 5.31 -15.72 -1.70
C LEU A 301 6.75 -15.37 -1.35
N PHE A 302 7.49 -14.85 -2.33
CA PHE A 302 8.87 -14.42 -2.15
C PHE A 302 8.98 -12.98 -2.64
N LEU A 303 9.38 -12.09 -1.76
CA LEU A 303 9.58 -10.68 -2.09
C LEU A 303 11.02 -10.44 -2.54
N ALA A 304 11.18 -9.52 -3.49
CA ALA A 304 12.50 -9.18 -4.01
C ALA A 304 12.53 -7.70 -4.37
N GLY A 305 13.70 -7.09 -4.21
CA GLY A 305 13.85 -5.75 -4.74
C GLY A 305 13.11 -4.74 -3.87
N ASP A 306 12.62 -3.67 -4.51
CA ASP A 306 12.02 -2.56 -3.78
C ASP A 306 10.73 -2.96 -3.08
N ALA A 307 10.10 -4.05 -3.52
CA ALA A 307 8.94 -4.55 -2.79
C ALA A 307 9.32 -4.92 -1.37
N ALA A 308 10.56 -5.39 -1.18
CA ALA A 308 11.02 -5.84 0.11
C ALA A 308 11.79 -4.77 0.88
N HIS A 309 12.47 -3.85 0.19
CA HIS A 309 13.34 -2.90 0.88
C HIS A 309 13.62 -1.73 -0.04
N ILE A 310 13.76 -0.53 0.53
CA ILE A 310 14.32 0.57 -0.26
C ILE A 310 15.42 1.26 0.55
N VAL A 311 16.30 1.96 -0.16
CA VAL A 311 17.35 2.75 0.47
C VAL A 311 17.40 4.11 -0.18
N PRO A 312 17.95 5.10 0.51
CA PRO A 312 18.19 6.39 -0.13
C PRO A 312 19.29 6.23 -1.15
N PRO A 313 19.13 6.76 -2.38
CA PRO A 313 20.03 6.36 -3.48
C PRO A 313 21.46 6.88 -3.51
N THR A 314 21.99 7.52 -2.46
CA THR A 314 23.34 8.11 -2.56
C THR A 314 24.38 7.09 -3.01
N GLY A 315 24.25 5.85 -2.54
CA GLY A 315 25.24 4.82 -2.77
C GLY A 315 24.98 3.86 -3.91
N ALA A 316 23.93 4.08 -4.70
CA ALA A 316 23.71 3.30 -5.92
C ALA A 316 23.53 1.81 -5.60
N LYS A 317 22.52 1.51 -4.79
CA LYS A 317 22.40 0.19 -4.18
C LYS A 317 21.09 -0.52 -4.44
N GLY A 318 20.02 0.22 -4.78
CA GLY A 318 18.70 -0.39 -4.88
C GLY A 318 18.55 -1.39 -6.00
N LEU A 319 18.83 -0.98 -7.25
CA LEU A 319 18.78 -1.93 -8.34
C LEU A 319 19.76 -3.07 -8.11
N ASN A 320 20.93 -2.73 -7.60
CA ASN A 320 21.94 -3.76 -7.34
C ASN A 320 21.45 -4.75 -6.30
N SER A 321 20.78 -4.27 -5.24
CA SER A 321 20.20 -5.17 -4.24
C SER A 321 19.07 -6.01 -4.82
N ALA A 322 18.21 -5.40 -5.64
CA ALA A 322 17.18 -6.17 -6.34
C ALA A 322 17.79 -7.32 -7.14
N MET A 323 18.90 -7.05 -7.83
CA MET A 323 19.53 -8.10 -8.61
C MET A 323 20.15 -9.17 -7.72
N ALA A 324 20.69 -8.76 -6.55
CA ALA A 324 21.19 -9.75 -5.59
C ALA A 324 20.07 -10.66 -5.09
N ASP A 325 18.93 -10.06 -4.72
CA ASP A 325 17.77 -10.85 -4.31
C ASP A 325 17.40 -11.85 -5.41
N ILE A 326 17.34 -11.37 -6.64
CA ILE A 326 16.92 -12.23 -7.74
C ILE A 326 17.95 -13.33 -8.00
N LYS A 327 19.23 -13.02 -7.86
CA LYS A 327 20.25 -14.06 -8.02
C LYS A 327 20.00 -15.21 -7.04
N VAL A 328 19.68 -14.87 -5.79
CA VAL A 328 19.41 -15.89 -4.78
C VAL A 328 18.10 -16.61 -5.09
N LEU A 329 17.05 -15.86 -5.41
CA LEU A 329 15.73 -16.45 -5.64
C LEU A 329 15.75 -17.38 -6.85
N ALA A 330 16.36 -16.94 -7.94
CA ALA A 330 16.41 -17.76 -9.14
C ALA A 330 17.16 -19.07 -8.87
N ALA A 331 18.32 -18.97 -8.22
CA ALA A 331 19.09 -20.17 -7.90
C ALA A 331 18.29 -21.10 -7.00
N ALA A 332 17.52 -20.54 -6.04
CA ALA A 332 16.70 -21.37 -5.17
C ALA A 332 15.59 -22.07 -5.95
N LEU A 333 14.92 -21.33 -6.84
CA LEU A 333 13.87 -21.94 -7.63
C LEU A 333 14.44 -23.01 -8.55
N VAL A 334 15.62 -22.75 -9.12
CA VAL A 334 16.27 -23.74 -9.97
C VAL A 334 16.64 -24.98 -9.18
N ASP A 335 17.16 -24.82 -7.96
CA ASP A 335 17.47 -26.00 -7.14
C ASP A 335 16.20 -26.80 -6.87
N HIS A 336 15.09 -26.11 -6.61
CA HIS A 336 13.85 -26.79 -6.32
C HIS A 336 13.31 -27.53 -7.54
N TYR A 337 13.34 -26.89 -8.70
CA TYR A 337 12.76 -27.54 -9.87
C TYR A 337 13.72 -28.49 -10.57
N ARG A 338 15.02 -28.23 -10.50
CA ARG A 338 15.96 -28.86 -11.41
C ARG A 338 16.99 -29.73 -10.72
N HIS A 339 17.28 -29.49 -9.45
CA HIS A 339 18.13 -30.38 -8.66
C HIS A 339 17.36 -31.07 -7.54
N GLY A 340 16.04 -30.91 -7.51
CA GLY A 340 15.18 -31.60 -6.57
C GLY A 340 15.23 -31.13 -5.14
N ARG A 341 16.07 -30.14 -4.80
CA ARG A 341 16.29 -29.74 -3.41
C ARG A 341 15.64 -28.40 -3.12
N SER A 342 14.92 -28.31 -2.00
CA SER A 342 14.14 -27.13 -1.66
C SER A 342 14.66 -26.42 -0.42
N ASP A 343 15.80 -26.84 0.11
CA ASP A 343 16.38 -26.18 1.26
C ASP A 343 16.83 -24.76 0.92
N ARG A 344 17.09 -24.47 -0.35
CA ARG A 344 17.55 -23.14 -0.69
C ARG A 344 16.39 -22.14 -0.78
N LEU A 345 15.19 -22.57 -1.16
CA LEU A 345 14.04 -21.67 -1.03
C LEU A 345 13.81 -21.31 0.43
N ALA A 346 14.09 -22.25 1.32
CA ALA A 346 13.78 -22.05 2.72
C ALA A 346 14.69 -21.01 3.35
N THR A 347 15.91 -20.86 2.83
CA THR A 347 16.87 -19.90 3.36
C THR A 347 16.93 -18.61 2.55
N TYR A 348 16.03 -18.43 1.56
CA TYR A 348 16.05 -17.22 0.72
C TYR A 348 16.07 -15.96 1.58
N SER A 349 15.11 -15.85 2.47
CA SER A 349 14.98 -14.60 3.19
C SER A 349 16.14 -14.40 4.15
N GLU A 350 16.55 -15.47 4.84
CA GLU A 350 17.68 -15.37 5.77
C GLU A 350 18.91 -14.81 5.07
N ARG A 351 19.21 -15.34 3.88
CA ARG A 351 20.42 -14.92 3.17
C ARG A 351 20.28 -13.52 2.59
N CYS A 352 19.12 -13.19 2.00
CA CYS A 352 18.98 -11.85 1.42
C CYS A 352 19.01 -10.77 2.50
N LEU A 353 18.45 -11.07 3.67
CA LEU A 353 18.39 -10.08 4.75
C LEU A 353 19.76 -9.79 5.33
N ARG A 354 20.65 -10.78 5.42
CA ARG A 354 21.98 -10.48 5.95
C ARG A 354 22.68 -9.46 5.08
N ARG A 355 22.69 -9.69 3.76
CA ARG A 355 23.27 -8.70 2.87
C ARG A 355 22.52 -7.39 2.96
N MET A 356 21.19 -7.45 2.98
CA MET A 356 20.43 -6.21 2.85
C MET A 356 20.58 -5.29 4.06
N TRP A 357 20.76 -5.85 5.27
CA TRP A 357 21.00 -4.97 6.43
C TRP A 357 22.33 -4.26 6.33
N LEU A 358 23.35 -4.93 5.78
CA LEU A 358 24.62 -4.22 5.56
C LEU A 358 24.48 -3.17 4.47
N VAL A 359 23.70 -3.45 3.43
CA VAL A 359 23.42 -2.42 2.42
C VAL A 359 22.69 -1.24 3.07
N GLN A 360 21.67 -1.55 3.88
CA GLN A 360 20.94 -0.49 4.58
C GLN A 360 21.89 0.36 5.41
N ARG A 361 22.78 -0.31 6.15
CA ARG A 361 23.76 0.39 6.96
C ARG A 361 24.56 1.37 6.12
N PHE A 362 25.12 0.88 5.00
CA PHE A 362 26.00 1.73 4.18
C PHE A 362 25.21 2.89 3.55
N SER A 363 24.04 2.59 2.99
CA SER A 363 23.25 3.63 2.38
C SER A 363 22.86 4.68 3.40
N ALA A 364 22.51 4.24 4.61
CA ALA A 364 22.15 5.20 5.66
C ALA A 364 23.35 6.05 6.03
N ALA A 365 24.54 5.43 6.14
CA ALA A 365 25.73 6.16 6.54
C ALA A 365 26.07 7.26 5.52
N LEU A 366 25.94 6.95 4.23
CA LEU A 366 26.21 7.97 3.23
C LEU A 366 25.17 9.06 3.31
N CYS A 367 23.91 8.65 3.51
CA CYS A 367 22.84 9.63 3.50
C CYS A 367 22.98 10.63 4.64
N THR A 368 23.26 10.14 5.84
CA THR A 368 23.34 11.06 6.96
C THR A 368 24.61 11.90 6.94
N MET A 369 25.61 11.50 6.13
CA MET A 369 26.87 12.23 6.06
C MET A 369 26.84 13.36 5.04
N VAL A 370 26.19 13.16 3.90
CA VAL A 370 26.38 14.08 2.77
C VAL A 370 25.22 15.05 2.57
N HIS A 371 24.10 14.91 3.29
CA HIS A 371 22.97 15.84 3.21
C HIS A 371 22.90 16.75 4.42
N GLN A 372 22.41 17.98 4.21
CA GLN A 372 22.19 18.87 5.33
C GLN A 372 20.84 18.57 5.96
N PHE A 373 20.84 18.41 7.28
CA PHE A 373 19.60 18.11 7.98
C PHE A 373 19.10 19.40 8.63
N PRO A 374 17.95 19.93 8.20
CA PRO A 374 17.46 21.19 8.77
C PRO A 374 17.35 21.14 10.29
N GLY A 375 17.94 22.15 10.95
CA GLY A 375 17.84 22.29 12.39
C GLY A 375 18.56 21.23 13.19
N GLN A 376 19.48 20.48 12.56
CA GLN A 376 20.22 19.43 13.25
C GLN A 376 21.04 20.00 14.41
N ASN A 377 21.12 19.22 15.49
CA ASN A 377 22.09 19.46 16.54
C ASN A 377 23.45 19.79 15.94
N GLU A 378 24.09 20.88 16.42
CA GLU A 378 25.28 21.37 15.71
C GLU A 378 26.46 20.43 15.87
N PHE A 379 26.55 19.70 16.98
CA PHE A 379 27.63 18.72 17.13
C PHE A 379 27.49 17.61 16.09
N VAL A 380 26.27 17.07 15.95
CA VAL A 380 26.07 16.01 14.96
C VAL A 380 26.34 16.55 13.54
N ARG A 381 25.93 17.79 13.27
CA ARG A 381 26.21 18.33 11.94
C ARG A 381 27.71 18.42 11.69
N ARG A 382 28.48 18.80 12.72
CA ARG A 382 29.93 18.96 12.51
C ARG A 382 30.60 17.60 12.39
N LEU A 383 29.99 16.54 12.94
CA LEU A 383 30.52 15.21 12.69
C LEU A 383 30.42 14.80 11.22
N GLN A 384 29.51 15.41 10.45
CA GLN A 384 29.48 15.11 9.01
C GLN A 384 30.83 15.36 8.36
N ARG A 385 31.48 16.49 8.70
CA ARG A 385 32.78 16.80 8.11
C ARG A 385 33.84 15.86 8.67
N ALA A 386 33.74 15.50 9.94
CA ALA A 386 34.67 14.51 10.45
C ALA A 386 34.53 13.19 9.70
N ASP A 387 33.29 12.77 9.46
CA ASP A 387 33.07 11.53 8.73
C ASP A 387 33.60 11.61 7.30
N LEU A 388 33.49 12.79 6.67
CA LEU A 388 34.02 12.94 5.33
C LEU A 388 35.55 12.89 5.35
N ASP A 389 36.15 13.57 6.34
CA ASP A 389 37.61 13.58 6.44
C ASP A 389 38.13 12.17 6.64
N TYR A 390 37.47 11.42 7.52
CA TYR A 390 37.95 10.09 7.84
C TYR A 390 37.74 9.14 6.67
N MET A 391 36.57 9.23 6.04
CA MET A 391 36.28 8.33 4.93
C MET A 391 37.28 8.50 3.80
N THR A 392 37.57 9.76 3.45
CA THR A 392 38.42 10.03 2.30
C THR A 392 39.90 9.97 2.66
N GLY A 393 40.24 10.23 3.91
CA GLY A 393 41.60 10.54 4.28
C GLY A 393 42.32 9.44 5.04
N THR A 394 41.67 8.31 5.27
CA THR A 394 42.32 7.18 5.96
C THR A 394 42.16 5.92 5.12
N HIS A 395 43.15 5.03 5.23
CA HIS A 395 43.01 3.75 4.54
C HIS A 395 41.76 3.00 4.99
N ALA A 396 41.53 2.93 6.31
CA ALA A 396 40.37 2.18 6.80
C ALA A 396 39.07 2.77 6.30
N GLY A 397 39.00 4.09 6.20
CA GLY A 397 37.79 4.73 5.68
C GLY A 397 37.59 4.48 4.20
N ARG A 398 38.69 4.50 3.42
CA ARG A 398 38.59 4.24 1.99
C ARG A 398 38.24 2.80 1.71
N LEU A 399 38.81 1.87 2.48
CA LEU A 399 38.55 0.45 2.33
C LEU A 399 37.07 0.15 2.49
N GLN A 400 36.50 0.65 3.59
CA GLN A 400 35.10 0.41 3.89
C GLN A 400 34.18 1.04 2.84
N PHE A 401 34.45 2.29 2.45
CA PHE A 401 33.66 2.86 1.36
C PHE A 401 33.77 2.00 0.10
N ALA A 402 35.00 1.69 -0.32
CA ALA A 402 35.23 1.03 -1.60
C ALA A 402 34.59 -0.36 -1.65
N GLU A 403 34.80 -1.17 -0.61
CA GLU A 403 34.21 -2.51 -0.60
C GLU A 403 32.70 -2.46 -0.65
N ASN A 404 32.12 -1.47 0.02
CA ASN A 404 30.67 -1.38 0.03
C ASN A 404 30.13 -0.82 -1.28
N PHE A 405 30.76 0.22 -1.80
CA PHE A 405 30.25 0.87 -3.01
C PHE A 405 30.27 -0.09 -4.19
N THR A 406 31.36 -0.83 -4.36
CA THR A 406 31.44 -1.69 -5.53
C THR A 406 30.59 -2.94 -5.39
N GLY A 407 30.10 -3.25 -4.19
CA GLY A 407 29.06 -4.27 -4.06
C GLY A 407 29.51 -5.42 -3.17
N LEU A 408 28.69 -5.69 -2.14
CA LEU A 408 28.98 -6.75 -1.19
C LEU A 408 28.72 -8.12 -1.80
N PRO A 409 29.37 -9.16 -1.26
CA PRO A 409 29.13 -10.53 -1.77
C PRO A 409 27.69 -10.95 -1.60
N ILE A 410 27.28 -11.92 -2.42
CA ILE A 410 25.93 -12.45 -2.41
C ILE A 410 26.01 -13.93 -2.02
N GLU A 411 25.16 -14.34 -1.08
CA GLU A 411 25.16 -15.74 -0.67
C GLU A 411 24.25 -16.58 -1.58
N MET B 21 -7.16 21.65 -14.69
CA MET B 21 -7.80 20.65 -13.84
C MET B 21 -7.61 21.01 -12.36
N ARG B 22 -8.25 22.09 -11.95
CA ARG B 22 -8.16 22.61 -10.58
C ARG B 22 -9.54 22.58 -9.94
N THR B 23 -9.58 22.31 -8.64
CA THR B 23 -10.84 22.26 -7.91
C THR B 23 -10.54 22.66 -6.47
N GLN B 24 -11.57 22.69 -5.64
CA GLN B 24 -11.36 23.02 -4.24
C GLN B 24 -11.00 21.78 -3.43
N VAL B 25 -11.81 20.72 -3.51
CA VAL B 25 -11.52 19.48 -2.79
C VAL B 25 -11.35 18.34 -3.80
N GLY B 26 -10.15 17.74 -3.83
CA GLY B 26 -9.96 16.56 -4.65
C GLY B 26 -10.24 15.33 -3.80
N ILE B 27 -11.07 14.43 -4.32
CA ILE B 27 -11.53 13.28 -3.56
C ILE B 27 -11.05 12.01 -4.23
N VAL B 28 -10.18 11.27 -3.53
CA VAL B 28 -9.64 10.03 -4.08
C VAL B 28 -10.57 8.89 -3.64
N GLY B 29 -11.27 8.28 -4.60
CA GLY B 29 -12.13 7.17 -4.26
C GLY B 29 -13.61 7.51 -4.35
N ALA B 30 -14.34 6.73 -5.14
CA ALA B 30 -15.79 6.92 -5.32
C ALA B 30 -16.58 5.80 -4.68
N GLY B 31 -16.10 5.30 -3.53
CA GLY B 31 -16.91 4.49 -2.65
C GLY B 31 -17.86 5.37 -1.84
N PRO B 32 -18.52 4.82 -0.81
CA PRO B 32 -19.54 5.62 -0.12
C PRO B 32 -18.98 6.85 0.60
N ALA B 33 -17.77 6.78 1.16
CA ALA B 33 -17.21 7.95 1.83
C ALA B 33 -16.96 9.09 0.84
N GLY B 34 -16.34 8.77 -0.30
CA GLY B 34 -16.02 9.79 -1.29
C GLY B 34 -17.28 10.40 -1.90
N LEU B 35 -18.27 9.57 -2.23
CA LEU B 35 -19.50 10.10 -2.82
C LEU B 35 -20.28 10.93 -1.82
N MET B 36 -20.39 10.47 -0.56
CA MET B 36 -21.08 11.30 0.43
C MET B 36 -20.36 12.65 0.58
N LEU B 37 -19.04 12.66 0.63
CA LEU B 37 -18.34 13.92 0.79
C LEU B 37 -18.62 14.86 -0.40
N ALA B 38 -18.47 14.35 -1.62
CA ALA B 38 -18.74 15.17 -2.81
C ALA B 38 -20.13 15.77 -2.76
N HIS B 39 -21.12 14.95 -2.41
CA HIS B 39 -22.50 15.41 -2.33
C HIS B 39 -22.69 16.45 -1.24
N LEU B 40 -22.15 16.21 -0.04
CA LEU B 40 -22.31 17.18 1.02
C LEU B 40 -21.67 18.52 0.64
N LEU B 41 -20.48 18.47 0.02
CA LEU B 41 -19.82 19.71 -0.38
C LEU B 41 -20.61 20.42 -1.47
N ARG B 42 -21.09 19.65 -2.46
CA ARG B 42 -21.86 20.24 -3.55
C ARG B 42 -23.06 21.00 -3.03
N ARG B 43 -23.77 20.43 -2.05
CA ARG B 43 -24.93 21.08 -1.46
C ARG B 43 -24.58 22.43 -0.86
N GLU B 44 -23.34 22.57 -0.40
CA GLU B 44 -22.85 23.76 0.26
C GLU B 44 -22.08 24.68 -0.69
N GLY B 45 -22.07 24.37 -1.98
CA GLY B 45 -21.40 25.22 -2.95
C GLY B 45 -19.90 25.08 -3.02
N ILE B 46 -19.35 23.96 -2.53
CA ILE B 46 -17.91 23.72 -2.55
C ILE B 46 -17.62 22.75 -3.68
N ASP B 47 -16.64 23.10 -4.52
CA ASP B 47 -16.30 22.33 -5.70
C ASP B 47 -15.46 21.13 -5.31
N ALA B 48 -15.78 19.98 -5.89
CA ALA B 48 -14.95 18.81 -5.69
C ALA B 48 -14.87 18.03 -7.00
N VAL B 49 -13.79 17.27 -7.14
CA VAL B 49 -13.69 16.29 -8.22
C VAL B 49 -13.36 14.96 -7.57
N VAL B 50 -14.06 13.89 -7.96
CA VAL B 50 -13.82 12.55 -7.43
C VAL B 50 -13.05 11.76 -8.48
N ILE B 51 -12.05 11.00 -8.03
CA ILE B 51 -11.17 10.24 -8.92
C ILE B 51 -11.14 8.80 -8.44
N GLU B 52 -11.59 7.87 -9.29
CA GLU B 52 -11.86 6.50 -8.88
C GLU B 52 -11.14 5.53 -9.79
N ARG B 53 -10.46 4.54 -9.19
CA ARG B 53 -9.62 3.65 -9.98
C ARG B 53 -10.45 2.62 -10.75
N ALA B 54 -11.61 2.22 -10.23
CA ALA B 54 -12.36 1.14 -10.82
C ALA B 54 -13.42 1.68 -11.76
N ALA B 55 -13.99 0.76 -12.54
CA ALA B 55 -15.13 1.09 -13.34
C ALA B 55 -16.31 1.40 -12.44
N ARG B 56 -17.12 2.33 -12.91
CA ARG B 56 -18.30 2.76 -12.17
C ARG B 56 -19.20 1.59 -11.83
N GLU B 57 -19.41 0.69 -12.80
CA GLU B 57 -20.27 -0.46 -12.55
C GLU B 57 -19.71 -1.34 -11.45
N HIS B 58 -18.40 -1.57 -11.49
CA HIS B 58 -17.76 -2.37 -10.47
C HIS B 58 -17.93 -1.76 -9.09
N VAL B 59 -17.76 -0.44 -8.96
CA VAL B 59 -17.90 0.19 -7.66
C VAL B 59 -19.32 -0.02 -7.13
N ARG B 60 -20.33 0.31 -7.95
CA ARG B 60 -21.71 0.25 -7.49
C ARG B 60 -22.04 -1.12 -6.89
N THR B 61 -21.66 -2.19 -7.58
CA THR B 61 -22.16 -3.53 -7.28
C THR B 61 -21.24 -4.32 -6.33
N ARG B 62 -20.28 -3.69 -5.68
CA ARG B 62 -19.62 -4.35 -4.57
C ARG B 62 -20.65 -4.68 -3.50
N LEU B 63 -20.61 -5.90 -2.99
CA LEU B 63 -21.50 -6.32 -1.93
C LEU B 63 -20.65 -6.52 -0.69
N ARG B 64 -20.88 -5.66 0.30
CA ARG B 64 -20.16 -5.67 1.57
C ARG B 64 -21.18 -5.41 2.66
N ALA B 65 -21.31 -4.15 3.07
CA ALA B 65 -22.07 -3.82 4.26
C ALA B 65 -23.55 -4.14 4.10
N GLY B 66 -24.16 -4.52 5.22
CA GLY B 66 -25.61 -4.67 5.24
C GLY B 66 -26.32 -3.70 6.15
N VAL B 67 -25.69 -3.25 7.26
CA VAL B 67 -26.45 -2.67 8.37
C VAL B 67 -25.96 -1.26 8.69
N LEU B 68 -26.91 -0.36 8.87
CA LEU B 68 -26.66 1.03 9.16
C LEU B 68 -27.09 1.38 10.57
N GLU B 69 -26.27 2.20 11.21
CA GLU B 69 -26.66 2.80 12.48
C GLU B 69 -27.73 3.85 12.25
N GLN B 70 -28.46 4.15 13.33
CA GLN B 70 -29.49 5.16 13.23
C GLN B 70 -28.90 6.51 12.83
N GLY B 71 -27.74 6.87 13.38
CA GLY B 71 -27.10 8.11 13.00
C GLY B 71 -26.81 8.18 11.51
N THR B 72 -26.45 7.04 10.91
CA THR B 72 -26.21 7.03 9.47
C THR B 72 -27.50 7.25 8.71
N VAL B 73 -28.57 6.57 9.12
CA VAL B 73 -29.85 6.72 8.44
C VAL B 73 -30.29 8.19 8.49
N GLU B 74 -30.18 8.81 9.67
CA GLU B 74 -30.51 10.24 9.80
C GLU B 74 -29.65 11.09 8.86
N MET B 75 -28.39 10.74 8.71
CA MET B 75 -27.49 11.53 7.88
C MET B 75 -27.85 11.39 6.41
N LEU B 76 -28.16 10.17 5.97
CA LEU B 76 -28.63 9.97 4.61
C LEU B 76 -29.93 10.73 4.36
N ARG B 77 -30.87 10.63 5.29
CA ARG B 77 -32.14 11.34 5.13
C ARG B 77 -31.90 12.83 5.02
N GLU B 78 -31.07 13.38 5.92
CA GLU B 78 -30.87 14.83 5.98
C GLU B 78 -30.15 15.35 4.76
N ALA B 79 -29.31 14.52 4.13
CA ALA B 79 -28.63 14.88 2.89
C ALA B 79 -29.50 14.62 1.65
N GLY B 80 -30.77 14.24 1.83
CA GLY B 80 -31.67 14.03 0.71
C GLY B 80 -31.49 12.74 -0.06
N VAL B 81 -30.79 11.75 0.50
CA VAL B 81 -30.58 10.50 -0.22
C VAL B 81 -31.18 9.31 0.51
N GLY B 82 -32.10 9.55 1.45
CA GLY B 82 -32.62 8.49 2.28
C GLY B 82 -34.01 8.03 1.89
N GLY B 83 -34.52 8.47 0.74
CA GLY B 83 -35.93 8.28 0.41
C GLY B 83 -36.34 6.83 0.24
N ARG B 84 -35.41 5.95 -0.12
CA ARG B 84 -35.76 4.56 -0.33
C ARG B 84 -35.55 3.69 0.91
N ILE B 85 -35.14 4.28 2.02
CA ILE B 85 -34.79 3.45 3.18
C ILE B 85 -36.03 2.78 3.77
N ASP B 86 -37.15 3.52 3.86
CA ASP B 86 -38.37 2.94 4.43
C ASP B 86 -38.84 1.72 3.64
N ALA B 87 -38.78 1.78 2.31
CA ALA B 87 -39.34 0.69 1.50
C ALA B 87 -38.35 -0.43 1.25
N VAL B 88 -37.06 -0.12 1.12
CA VAL B 88 -36.10 -1.14 0.72
C VAL B 88 -35.44 -1.69 1.98
N GLY B 89 -35.27 -0.84 2.99
CA GLY B 89 -34.62 -1.25 4.21
C GLY B 89 -35.51 -2.05 5.15
N MET B 90 -34.88 -2.68 6.13
CA MET B 90 -35.58 -3.44 7.17
C MET B 90 -35.12 -2.91 8.53
N GLU B 91 -36.04 -2.35 9.30
CA GLU B 91 -35.68 -1.86 10.62
C GLU B 91 -35.33 -3.04 11.52
N MET B 92 -34.28 -2.88 12.34
CA MET B 92 -33.85 -3.93 13.28
C MET B 92 -33.99 -3.45 14.71
N HIS B 93 -34.44 -4.36 15.58
CA HIS B 93 -34.56 -4.08 17.01
C HIS B 93 -33.78 -5.03 17.91
N ALA B 94 -33.39 -6.21 17.43
CA ALA B 94 -32.75 -7.19 18.31
C ALA B 94 -31.73 -7.99 17.53
N ILE B 95 -30.70 -8.47 18.23
CA ILE B 95 -29.83 -9.51 17.73
C ILE B 95 -30.13 -10.78 18.50
N ASP B 96 -30.31 -11.87 17.77
CA ASP B 96 -30.56 -13.18 18.36
C ASP B 96 -29.22 -13.88 18.51
N PHE B 97 -28.66 -13.94 19.72
CA PHE B 97 -27.39 -14.63 19.95
C PHE B 97 -27.65 -16.11 20.21
N ARG B 98 -27.06 -16.99 19.40
CA ARG B 98 -27.20 -18.44 19.57
C ARG B 98 -25.93 -19.00 20.21
N PHE B 99 -26.06 -19.58 21.40
CA PHE B 99 -24.92 -20.25 22.03
C PHE B 99 -25.47 -21.14 23.11
N GLY B 100 -24.67 -22.13 23.51
CA GLY B 100 -25.13 -23.08 24.49
C GLY B 100 -26.42 -23.78 24.10
N GLY B 101 -26.71 -23.85 22.81
CA GLY B 101 -27.89 -24.53 22.32
C GLY B 101 -29.18 -23.76 22.50
N ARG B 102 -29.10 -22.46 22.81
CA ARG B 102 -30.27 -21.64 23.06
C ARG B 102 -30.17 -20.32 22.31
N SER B 103 -31.35 -19.73 22.12
CA SER B 103 -31.52 -18.40 21.57
C SER B 103 -31.52 -17.39 22.73
N HIS B 104 -30.87 -16.25 22.51
CA HIS B 104 -30.80 -15.15 23.49
C HIS B 104 -31.09 -13.88 22.70
N ARG B 105 -32.34 -13.48 22.68
CA ARG B 105 -32.74 -12.31 21.90
C ARG B 105 -32.43 -11.07 22.72
N LEU B 106 -31.48 -10.26 22.26
CA LEU B 106 -31.09 -9.01 22.90
C LEU B 106 -31.81 -7.87 22.19
N ASP B 107 -32.83 -7.30 22.82
CA ASP B 107 -33.59 -6.18 22.26
C ASP B 107 -32.78 -4.91 22.48
N PHE B 108 -31.98 -4.55 21.46
CA PHE B 108 -31.17 -3.36 21.63
C PHE B 108 -31.96 -2.08 21.42
N HIS B 109 -33.14 -2.16 20.78
CA HIS B 109 -34.02 -1.01 20.73
C HIS B 109 -34.45 -0.60 22.14
N GLU B 110 -34.90 -1.56 22.94
CA GLU B 110 -35.32 -1.25 24.29
C GLU B 110 -34.13 -0.83 25.15
N ALA B 111 -33.03 -1.59 25.06
CA ALA B 111 -31.90 -1.31 25.93
C ALA B 111 -31.25 0.04 25.62
N SER B 112 -31.29 0.50 24.37
CA SER B 112 -30.70 1.80 24.04
C SER B 112 -31.67 2.94 24.27
N GLY B 113 -32.88 2.65 24.75
CA GLY B 113 -33.88 3.68 24.95
C GLY B 113 -34.46 4.21 23.66
N GLY B 114 -34.58 3.37 22.63
CA GLY B 114 -35.31 3.71 21.44
C GLY B 114 -34.49 3.88 20.18
N ARG B 115 -33.20 3.57 20.21
CA ARG B 115 -32.41 3.72 19.00
C ARG B 115 -32.40 2.41 18.24
N ARG B 116 -32.28 2.52 16.93
CA ARG B 116 -32.44 1.36 16.04
C ARG B 116 -31.24 1.26 15.12
N ALA B 117 -31.27 0.18 14.34
CA ALA B 117 -30.39 -0.04 13.20
C ALA B 117 -31.28 -0.54 12.06
N TRP B 118 -30.73 -0.48 10.85
CA TRP B 118 -31.45 -0.85 9.63
C TRP B 118 -30.61 -1.75 8.77
N VAL B 119 -31.23 -2.81 8.21
CA VAL B 119 -30.67 -3.41 7.01
C VAL B 119 -30.92 -2.45 5.84
N TYR B 120 -29.84 -1.98 5.22
CA TYR B 120 -29.94 -1.13 4.04
C TYR B 120 -28.55 -1.19 3.41
N PRO B 121 -28.37 -2.09 2.47
CA PRO B 121 -27.02 -2.54 2.11
C PRO B 121 -26.24 -1.46 1.39
N GLN B 122 -24.92 -1.66 1.40
CA GLN B 122 -23.99 -0.66 0.86
C GLN B 122 -24.28 -0.34 -0.61
N HIS B 123 -24.65 -1.35 -1.41
CA HIS B 123 -24.86 -1.06 -2.82
C HIS B 123 -26.06 -0.15 -3.03
N GLU B 124 -27.07 -0.24 -2.15
CA GLU B 124 -28.18 0.72 -2.24
C GLU B 124 -27.70 2.13 -1.90
N VAL B 125 -26.96 2.25 -0.80
CA VAL B 125 -26.36 3.53 -0.41
C VAL B 125 -25.52 4.10 -1.55
N VAL B 126 -24.67 3.27 -2.15
CA VAL B 126 -23.79 3.79 -3.19
C VAL B 126 -24.60 4.20 -4.41
N THR B 127 -25.61 3.41 -4.76
CA THR B 127 -26.53 3.80 -5.83
C THR B 127 -27.17 5.16 -5.54
N ASP B 128 -27.68 5.35 -4.32
CA ASP B 128 -28.30 6.61 -3.93
C ASP B 128 -27.32 7.77 -4.04
N LEU B 129 -26.09 7.56 -3.58
CA LEU B 129 -25.12 8.65 -3.57
C LEU B 129 -24.62 8.95 -4.99
N MET B 130 -24.44 7.93 -5.82
CA MET B 130 -24.05 8.19 -7.20
C MET B 130 -25.13 8.96 -7.92
N SER B 131 -26.38 8.59 -7.65
CA SER B 131 -27.51 9.31 -8.24
C SER B 131 -27.47 10.77 -7.84
N ALA B 132 -27.22 11.04 -6.55
CA ALA B 132 -27.22 12.40 -6.05
C ALA B 132 -26.03 13.18 -6.58
N CYS B 133 -24.86 12.54 -6.66
CA CYS B 133 -23.70 13.22 -7.25
C CYS B 133 -23.94 13.56 -8.72
N ASP B 134 -24.54 12.64 -9.49
CA ASP B 134 -24.82 12.91 -10.89
C ASP B 134 -25.80 14.06 -11.07
N ALA B 135 -26.87 14.11 -10.25
CA ALA B 135 -27.86 15.17 -10.39
C ALA B 135 -27.29 16.53 -9.99
N GLY B 136 -26.24 16.54 -9.18
CA GLY B 136 -25.54 17.78 -8.86
C GLY B 136 -24.36 18.07 -9.74
N ASP B 137 -24.18 17.30 -10.83
CA ASP B 137 -23.10 17.54 -11.79
C ASP B 137 -21.73 17.51 -11.11
N VAL B 138 -21.59 16.63 -10.12
CA VAL B 138 -20.30 16.34 -9.51
C VAL B 138 -19.44 15.59 -10.52
N PRO B 139 -18.27 16.12 -10.94
CA PRO B 139 -17.40 15.37 -11.87
C PRO B 139 -16.74 14.18 -11.18
N ILE B 140 -16.94 13.00 -11.75
CA ILE B 140 -16.30 11.79 -11.23
C ILE B 140 -15.56 11.11 -12.37
N LEU B 141 -14.27 10.87 -12.16
CA LEU B 141 -13.47 10.17 -13.16
C LEU B 141 -13.33 8.72 -12.73
N TYR B 142 -13.78 7.79 -13.59
CA TYR B 142 -13.69 6.37 -13.36
C TYR B 142 -12.57 5.77 -14.17
N GLU B 143 -12.17 4.55 -13.78
CA GLU B 143 -11.04 3.88 -14.40
C GLU B 143 -9.86 4.84 -14.47
N ALA B 144 -9.64 5.52 -13.35
CA ALA B 144 -8.66 6.61 -13.26
C ALA B 144 -7.89 6.45 -11.97
N PRO B 145 -7.00 5.45 -11.92
CA PRO B 145 -6.26 5.19 -10.67
C PRO B 145 -5.37 6.36 -10.31
N VAL B 146 -5.51 6.83 -9.07
CA VAL B 146 -4.55 7.77 -8.51
C VAL B 146 -3.25 7.04 -8.18
N GLU B 147 -2.14 7.54 -8.71
CA GLU B 147 -0.83 6.94 -8.47
C GLU B 147 -0.04 7.66 -7.39
N ARG B 148 -0.26 8.97 -7.23
CA ARG B 148 0.55 9.75 -6.31
C ARG B 148 -0.27 10.93 -5.80
N ILE B 149 -0.05 11.30 -4.55
CA ILE B 149 -0.63 12.53 -4.00
C ILE B 149 0.53 13.38 -3.50
N GLU B 150 0.69 14.56 -4.09
CA GLU B 150 1.84 15.42 -3.90
C GLU B 150 1.43 16.76 -3.31
N GLY B 151 2.41 17.48 -2.79
CA GLY B 151 2.17 18.88 -2.44
C GLY B 151 1.30 19.08 -1.23
N LEU B 152 1.38 18.17 -0.25
CA LEU B 152 0.50 18.28 0.90
C LEU B 152 0.75 19.53 1.72
N GLU B 153 1.93 20.13 1.61
CA GLU B 153 2.22 21.39 2.30
C GLU B 153 2.61 22.45 1.30
N ASP B 154 2.31 22.23 0.04
CA ASP B 154 2.50 23.25 -0.98
C ASP B 154 1.29 24.19 -0.90
N ASP B 155 1.20 25.15 -1.81
CA ASP B 155 0.07 26.08 -1.74
C ASP B 155 -1.21 25.42 -2.22
N ARG B 156 -1.10 24.32 -2.95
CA ARG B 156 -2.20 23.48 -3.40
C ARG B 156 -1.63 22.09 -3.62
N ALA B 157 -2.44 21.09 -3.36
CA ALA B 157 -1.99 19.71 -3.48
C ALA B 157 -2.22 19.24 -4.91
N ARG B 158 -1.53 18.16 -5.30
CA ARG B 158 -1.61 17.62 -6.65
C ARG B 158 -2.03 16.15 -6.58
N ILE B 159 -3.07 15.79 -7.31
CA ILE B 159 -3.47 14.39 -7.40
C ILE B 159 -3.06 13.90 -8.79
N VAL B 160 -2.15 12.91 -8.84
CA VAL B 160 -1.61 12.43 -10.12
C VAL B 160 -2.26 11.09 -10.43
N PHE B 161 -2.90 10.99 -11.58
CA PHE B 161 -3.65 9.78 -11.91
C PHE B 161 -3.34 9.41 -13.35
N GLY B 162 -3.79 8.23 -13.74
CA GLY B 162 -3.71 7.79 -15.12
C GLY B 162 -5.10 7.44 -15.61
N GLN B 163 -5.40 7.79 -16.85
CA GLN B 163 -6.70 7.47 -17.40
C GLN B 163 -6.55 7.30 -18.90
N ASP B 164 -7.05 6.19 -19.43
CA ASP B 164 -6.97 5.88 -20.86
C ASP B 164 -5.52 5.90 -21.34
N GLY B 165 -4.58 5.47 -20.49
CA GLY B 165 -3.19 5.42 -20.84
C GLY B 165 -2.41 6.70 -20.61
N ALA B 166 -3.08 7.81 -20.31
CA ALA B 166 -2.46 9.13 -20.24
C ALA B 166 -2.45 9.66 -18.81
N ALA B 167 -1.38 10.36 -18.45
CA ALA B 167 -1.25 10.94 -17.12
C ALA B 167 -2.10 12.20 -16.99
N GLY B 168 -2.82 12.34 -15.87
CA GLY B 168 -3.56 13.55 -15.57
C GLY B 168 -3.21 14.06 -14.17
N GLU B 169 -3.66 15.27 -13.88
CA GLU B 169 -3.34 15.89 -12.60
C GLU B 169 -4.52 16.75 -12.17
N ILE B 170 -4.97 16.58 -10.92
CA ILE B 170 -5.95 17.46 -10.30
C ILE B 170 -5.22 18.29 -9.25
N THR B 171 -5.29 19.61 -9.36
CA THR B 171 -4.79 20.50 -8.31
C THR B 171 -5.96 20.95 -7.43
N CYS B 172 -5.74 20.99 -6.11
CA CYS B 172 -6.85 21.26 -5.20
C CYS B 172 -6.33 21.84 -3.88
N ASP B 173 -7.24 22.48 -3.14
CA ASP B 173 -6.85 23.01 -1.83
C ASP B 173 -6.70 21.88 -0.82
N PHE B 174 -7.58 20.89 -0.88
CA PHE B 174 -7.58 19.79 0.07
C PHE B 174 -7.76 18.49 -0.69
N VAL B 175 -7.14 17.43 -0.19
CA VAL B 175 -7.31 16.10 -0.72
C VAL B 175 -8.02 15.27 0.34
N ALA B 176 -9.11 14.62 -0.04
CA ALA B 176 -9.78 13.70 0.85
C ALA B 176 -9.43 12.28 0.43
N GLY B 177 -8.77 11.56 1.33
CA GLY B 177 -8.38 10.19 1.07
C GLY B 177 -9.55 9.29 1.42
N CYS B 178 -10.35 8.96 0.41
CA CYS B 178 -11.53 8.13 0.57
C CYS B 178 -11.39 6.84 -0.24
N ASP B 179 -10.16 6.33 -0.34
CA ASP B 179 -9.88 5.25 -1.28
C ASP B 179 -9.73 3.89 -0.60
N GLY B 180 -10.30 3.74 0.60
CA GLY B 180 -10.39 2.42 1.21
C GLY B 180 -9.04 1.91 1.70
N PHE B 181 -9.06 0.67 2.21
CA PHE B 181 -7.92 0.23 2.99
C PHE B 181 -6.69 -0.02 2.13
N ARG B 182 -6.90 -0.43 0.89
CA ARG B 182 -5.80 -0.68 -0.03
C ARG B 182 -5.60 0.49 -0.99
N GLY B 183 -6.10 1.67 -0.65
CA GLY B 183 -5.89 2.85 -1.47
C GLY B 183 -4.44 3.33 -1.43
N VAL B 184 -4.23 4.51 -2.02
CA VAL B 184 -2.93 5.17 -2.06
C VAL B 184 -2.83 6.28 -1.02
N SER B 185 -3.96 6.80 -0.54
CA SER B 185 -3.89 8.02 0.23
C SER B 185 -3.26 7.77 1.59
N ARG B 186 -3.51 6.61 2.21
CA ARG B 186 -2.95 6.40 3.54
C ARG B 186 -1.43 6.35 3.48
N GLY B 187 -0.88 5.73 2.44
CA GLY B 187 0.55 5.73 2.21
C GLY B 187 1.11 7.04 1.72
N SER B 188 0.25 8.02 1.45
CA SER B 188 0.66 9.37 1.07
C SER B 188 0.92 10.23 2.29
N MET B 189 0.50 9.77 3.46
CA MET B 189 0.85 10.45 4.68
C MET B 189 2.36 10.34 4.89
N PRO B 190 3.03 11.42 5.31
CA PRO B 190 4.47 11.30 5.61
C PRO B 190 4.69 10.25 6.68
N ALA B 191 5.61 9.31 6.41
CA ALA B 191 5.72 8.16 7.30
C ALA B 191 6.36 8.50 8.64
N GLY B 192 7.09 9.62 8.72
CA GLY B 192 7.58 10.04 10.02
C GLY B 192 6.51 10.58 10.95
N ILE B 193 5.32 10.85 10.43
CA ILE B 193 4.21 11.39 11.21
C ILE B 193 3.19 10.31 11.55
N ALA B 194 2.96 9.39 10.62
CA ALA B 194 1.92 8.39 10.75
C ALA B 194 2.36 7.25 11.67
N ARG B 195 1.42 6.75 12.46
CA ARG B 195 1.65 5.61 13.33
C ARG B 195 0.49 4.63 13.13
N GLY B 196 0.79 3.40 12.75
CA GLY B 196 -0.23 2.38 12.52
C GLY B 196 -0.44 1.50 13.75
N TYR B 197 -1.69 1.13 13.97
CA TYR B 197 -2.07 0.16 15.01
C TYR B 197 -2.80 -0.95 14.29
N ASP B 198 -2.28 -2.17 14.36
CA ASP B 198 -2.74 -3.19 13.43
C ASP B 198 -2.82 -4.54 14.12
N ARG B 199 -3.95 -5.24 14.00
CA ARG B 199 -4.05 -6.58 14.54
C ARG B 199 -4.89 -7.42 13.59
N ILE B 200 -4.30 -8.48 13.05
CA ILE B 200 -5.03 -9.39 12.18
C ILE B 200 -5.49 -10.54 13.04
N TYR B 201 -6.78 -10.94 12.89
CA TYR B 201 -7.34 -12.08 13.60
C TYR B 201 -7.11 -13.34 12.77
N PRO B 202 -6.98 -14.48 13.44
CA PRO B 202 -6.59 -15.75 12.80
C PRO B 202 -7.75 -16.51 12.13
N PHE B 203 -8.55 -15.80 11.35
CA PHE B 203 -9.69 -16.37 10.63
C PHE B 203 -10.22 -15.32 9.66
N GLY B 204 -11.00 -15.79 8.69
CA GLY B 204 -11.70 -14.84 7.84
C GLY B 204 -13.16 -15.15 7.91
N TRP B 205 -13.94 -14.53 7.02
CA TRP B 205 -15.35 -14.84 6.87
C TRP B 205 -15.57 -15.32 5.46
N LEU B 206 -16.32 -16.42 5.32
CA LEU B 206 -16.85 -16.81 4.02
C LEU B 206 -18.28 -16.28 3.98
N GLY B 207 -18.59 -15.45 3.00
CA GLY B 207 -19.88 -14.78 2.93
C GLY B 207 -20.63 -15.21 1.69
N ILE B 208 -21.96 -15.33 1.79
CA ILE B 208 -22.79 -15.73 0.67
C ILE B 208 -24.08 -14.94 0.73
N LEU B 209 -24.75 -14.84 -0.43
CA LEU B 209 -26.15 -14.49 -0.52
C LEU B 209 -26.90 -15.74 -0.88
N ALA B 210 -28.09 -15.91 -0.32
CA ALA B 210 -28.87 -17.10 -0.60
C ALA B 210 -30.30 -16.69 -0.91
N ASP B 211 -30.87 -17.29 -1.96
CA ASP B 211 -32.27 -17.11 -2.28
C ASP B 211 -33.05 -18.05 -1.37
N ALA B 212 -33.21 -17.61 -0.13
CA ALA B 212 -33.83 -18.33 0.95
C ALA B 212 -34.30 -17.31 1.96
N PRO B 213 -35.55 -17.41 2.42
CA PRO B 213 -36.06 -16.42 3.37
C PRO B 213 -35.39 -16.57 4.72
N PRO B 214 -35.22 -15.49 5.47
CA PRO B 214 -34.70 -15.62 6.84
C PRO B 214 -35.60 -16.51 7.68
N ALA B 215 -34.99 -17.35 8.51
CA ALA B 215 -35.77 -18.31 9.28
C ALA B 215 -36.43 -17.68 10.49
N SER B 216 -35.95 -16.50 10.88
CA SER B 216 -36.42 -15.76 12.04
C SER B 216 -36.29 -14.29 11.71
N PRO B 217 -37.08 -13.42 12.36
CA PRO B 217 -37.11 -12.00 12.01
C PRO B 217 -35.91 -11.17 12.45
N ASP B 218 -35.06 -11.70 13.32
CA ASP B 218 -33.91 -10.95 13.83
C ASP B 218 -32.62 -11.46 13.21
N VAL B 219 -31.69 -10.54 12.91
CA VAL B 219 -30.34 -10.97 12.57
C VAL B 219 -29.83 -11.87 13.68
N THR B 220 -29.21 -12.98 13.29
CA THR B 220 -28.93 -14.07 14.21
C THR B 220 -27.44 -14.37 14.18
N TRP B 221 -26.80 -14.39 15.36
CA TRP B 221 -25.36 -14.63 15.48
C TRP B 221 -25.16 -15.99 16.10
N GLY B 222 -24.52 -16.89 15.34
CA GLY B 222 -24.14 -18.19 15.84
C GLY B 222 -22.77 -18.14 16.51
N CYS B 223 -22.79 -18.14 17.84
CA CYS B 223 -21.55 -18.12 18.58
C CYS B 223 -21.28 -19.57 19.03
N SER B 224 -20.88 -20.38 18.03
CA SER B 224 -20.70 -21.83 18.16
C SER B 224 -19.25 -22.17 18.53
N ASP B 225 -19.03 -23.39 19.01
CA ASP B 225 -17.63 -23.78 19.19
C ASP B 225 -17.08 -24.48 17.97
N ARG B 226 -17.91 -24.72 16.95
CA ARG B 226 -17.39 -24.98 15.61
C ARG B 226 -16.88 -23.71 14.95
N GLY B 227 -17.35 -22.56 15.42
CA GLY B 227 -17.01 -21.30 14.81
C GLY B 227 -18.21 -20.38 14.69
N PHE B 228 -17.91 -19.14 14.35
CA PHE B 228 -18.94 -18.14 14.21
C PHE B 228 -19.74 -18.37 12.93
N ALA B 229 -21.01 -17.98 12.98
CA ALA B 229 -21.82 -17.89 11.78
C ALA B 229 -22.81 -16.76 11.96
N MET B 230 -23.35 -16.24 10.86
CA MET B 230 -24.37 -15.21 10.96
C MET B 230 -25.42 -15.40 9.89
N MET B 231 -26.69 -15.27 10.28
CA MET B 231 -27.79 -15.13 9.33
C MET B 231 -28.29 -13.70 9.44
N SER B 232 -28.00 -12.92 8.42
CA SER B 232 -28.58 -11.61 8.23
C SER B 232 -29.50 -11.74 7.03
N MET B 233 -30.10 -10.63 6.65
CA MET B 233 -31.11 -10.69 5.62
C MET B 233 -30.98 -9.46 4.75
N ARG B 234 -31.47 -9.57 3.52
N ARG B 234 -31.46 -9.59 3.51
CA ARG B 234 -31.59 -8.42 2.64
CA ARG B 234 -31.57 -8.47 2.59
C ARG B 234 -33.03 -8.08 2.31
C ARG B 234 -33.02 -8.09 2.29
N SER B 235 -33.94 -9.02 2.47
CA SER B 235 -35.34 -8.86 2.12
C SER B 235 -36.05 -10.05 2.74
N PRO B 236 -37.38 -10.07 2.79
CA PRO B 236 -38.08 -11.29 3.22
C PRO B 236 -37.74 -12.52 2.41
N THR B 237 -37.05 -12.40 1.26
CA THR B 237 -36.74 -13.56 0.44
C THR B 237 -35.25 -13.81 0.20
N VAL B 238 -34.35 -12.97 0.68
CA VAL B 238 -32.92 -13.13 0.44
C VAL B 238 -32.19 -13.02 1.76
N THR B 239 -31.30 -13.98 2.05
CA THR B 239 -30.51 -13.94 3.26
C THR B 239 -29.04 -13.71 2.91
N ARG B 240 -28.34 -13.05 3.83
CA ARG B 240 -26.91 -12.83 3.71
C ARG B 240 -26.28 -13.59 4.87
N LEU B 241 -25.39 -14.54 4.58
CA LEU B 241 -24.86 -15.40 5.63
C LEU B 241 -23.34 -15.39 5.64
N TYR B 242 -22.77 -15.50 6.84
CA TYR B 242 -21.32 -15.57 7.02
C TYR B 242 -20.94 -16.79 7.85
N LEU B 243 -19.77 -17.33 7.54
CA LEU B 243 -19.15 -18.43 8.26
C LEU B 243 -17.72 -18.04 8.59
N GLN B 244 -17.33 -18.19 9.85
CA GLN B 244 -15.90 -18.11 10.14
C GLN B 244 -15.14 -19.21 9.38
N CYS B 245 -14.01 -18.84 8.80
CA CYS B 245 -13.20 -19.79 8.03
C CYS B 245 -11.73 -19.50 8.31
N GLU B 246 -10.85 -20.33 7.74
CA GLU B 246 -9.42 -20.07 7.85
C GLU B 246 -9.06 -18.74 7.21
N PRO B 247 -8.01 -18.07 7.70
CA PRO B 247 -7.55 -16.86 7.01
C PRO B 247 -7.10 -17.23 5.61
N ASP B 248 -7.41 -16.36 4.65
CA ASP B 248 -6.99 -16.56 3.27
C ASP B 248 -7.60 -17.85 2.69
N GLU B 249 -8.82 -18.18 3.12
CA GLU B 249 -9.44 -19.44 2.70
C GLU B 249 -9.76 -19.37 1.20
N ASP B 250 -9.77 -20.56 0.56
CA ASP B 250 -10.10 -20.68 -0.86
C ASP B 250 -11.59 -20.97 -0.92
N PRO B 251 -12.41 -20.08 -1.47
CA PRO B 251 -13.85 -20.36 -1.52
C PRO B 251 -14.14 -21.66 -2.25
N ASP B 252 -13.22 -22.13 -3.10
CA ASP B 252 -13.44 -23.38 -3.85
C ASP B 252 -13.54 -24.57 -2.92
N ALA B 253 -12.95 -24.46 -1.72
CA ALA B 253 -13.00 -25.56 -0.75
C ALA B 253 -14.35 -25.70 -0.09
N TRP B 254 -15.30 -24.80 -0.35
CA TRP B 254 -16.63 -24.78 0.28
C TRP B 254 -17.73 -25.06 -0.75
N SER B 255 -18.04 -26.33 -0.93
CA SER B 255 -19.22 -26.67 -1.70
C SER B 255 -20.46 -26.12 -1.02
N ASP B 256 -21.57 -26.03 -1.78
CA ASP B 256 -22.80 -25.55 -1.17
C ASP B 256 -23.17 -26.44 0.00
N ASP B 257 -23.00 -27.75 -0.17
CA ASP B 257 -23.38 -28.64 0.92
C ASP B 257 -22.55 -28.37 2.16
N ARG B 258 -21.22 -28.15 2.01
CA ARG B 258 -20.41 -27.83 3.17
C ARG B 258 -20.89 -26.55 3.85
N ILE B 259 -21.30 -25.55 3.06
CA ILE B 259 -21.71 -24.25 3.58
C ILE B 259 -22.99 -24.38 4.41
N TRP B 260 -24.00 -25.03 3.84
CA TRP B 260 -25.23 -25.22 4.62
C TRP B 260 -24.99 -26.12 5.83
N SER B 261 -24.08 -27.11 5.71
CA SER B 261 -23.81 -27.96 6.86
C SER B 261 -23.31 -27.15 8.05
N GLU B 262 -22.27 -26.34 7.82
CA GLU B 262 -21.71 -25.53 8.90
C GLU B 262 -22.69 -24.46 9.37
N LEU B 263 -23.44 -23.84 8.44
CA LEU B 263 -24.43 -22.84 8.86
C LEU B 263 -25.48 -23.47 9.78
N HIS B 264 -26.03 -24.61 9.39
CA HIS B 264 -26.98 -25.29 10.29
C HIS B 264 -26.35 -25.59 11.64
N ARG B 265 -25.13 -26.16 11.64
CA ARG B 265 -24.50 -26.58 12.89
C ARG B 265 -24.24 -25.40 13.82
N ARG B 266 -23.92 -24.23 13.26
CA ARG B 266 -23.52 -23.10 14.07
C ARG B 266 -24.69 -22.21 14.48
N LEU B 267 -25.82 -22.29 13.78
CA LEU B 267 -26.95 -21.39 14.03
C LEU B 267 -28.15 -22.09 14.64
N ASP B 268 -28.50 -23.29 14.17
CA ASP B 268 -29.77 -23.89 14.55
C ASP B 268 -29.78 -24.28 16.01
N VAL B 269 -30.92 -24.01 16.68
CA VAL B 269 -31.15 -24.45 18.05
C VAL B 269 -32.57 -25.02 18.14
N GLU B 270 -32.76 -25.87 19.13
CA GLU B 270 -34.08 -26.41 19.41
C GLU B 270 -35.06 -25.29 19.70
N GLY B 271 -36.26 -25.40 19.14
CA GLY B 271 -37.29 -24.42 19.42
C GLY B 271 -37.22 -23.15 18.61
N MET B 272 -36.26 -23.02 17.70
CA MET B 272 -36.30 -21.93 16.74
C MET B 272 -36.32 -22.55 15.35
N PRO B 273 -36.97 -21.90 14.39
CA PRO B 273 -37.05 -22.48 13.04
C PRO B 273 -35.67 -22.70 12.45
N SER B 274 -35.53 -23.83 11.75
CA SER B 274 -34.27 -24.17 11.10
C SER B 274 -33.96 -23.19 9.99
N LEU B 275 -32.67 -22.96 9.79
CA LEU B 275 -32.22 -22.13 8.68
C LEU B 275 -32.79 -22.66 7.38
N ARG B 276 -33.23 -21.74 6.51
CA ARG B 276 -33.74 -22.11 5.20
C ARG B 276 -32.63 -22.08 4.17
N GLU B 277 -32.64 -23.06 3.28
CA GLU B 277 -31.62 -23.19 2.25
C GLU B 277 -32.16 -22.74 0.90
N GLY B 278 -31.26 -22.26 0.06
CA GLY B 278 -31.61 -21.86 -1.28
C GLY B 278 -30.37 -21.77 -2.11
N PRO B 279 -30.51 -21.49 -3.41
CA PRO B 279 -29.33 -21.28 -4.27
C PRO B 279 -28.42 -20.20 -3.70
N ILE B 280 -27.12 -20.45 -3.77
CA ILE B 280 -26.07 -19.59 -3.24
C ILE B 280 -25.42 -18.82 -4.38
N ARG B 281 -25.10 -17.55 -4.13
CA ARG B 281 -24.29 -16.78 -5.06
C ARG B 281 -23.37 -15.87 -4.26
N ASP B 282 -22.49 -15.18 -4.99
CA ASP B 282 -21.64 -14.13 -4.42
C ASP B 282 -20.81 -14.69 -3.27
N LYS B 283 -20.33 -15.91 -3.44
CA LYS B 283 -19.47 -16.55 -2.45
C LYS B 283 -18.10 -15.86 -2.44
N GLY B 284 -17.63 -15.46 -1.27
CA GLY B 284 -16.33 -14.81 -1.22
C GLY B 284 -15.79 -14.78 0.18
N VAL B 285 -14.49 -14.54 0.28
CA VAL B 285 -13.75 -14.59 1.54
C VAL B 285 -13.22 -13.20 1.86
N THR B 286 -13.39 -12.77 3.10
CA THR B 286 -12.94 -11.44 3.53
C THR B 286 -12.12 -11.58 4.80
N ALA B 287 -11.26 -10.59 5.02
CA ALA B 287 -10.34 -10.59 6.16
C ALA B 287 -11.02 -10.10 7.43
N MET B 288 -10.37 -10.39 8.55
CA MET B 288 -10.81 -9.90 9.86
C MET B 288 -9.62 -9.21 10.47
N ARG B 289 -9.71 -7.89 10.61
CA ARG B 289 -8.56 -7.08 10.91
C ARG B 289 -9.00 -5.81 11.60
N SER B 290 -8.28 -5.44 12.66
CA SER B 290 -8.39 -4.15 13.33
C SER B 290 -7.20 -3.29 12.96
N PHE B 291 -7.46 -2.13 12.36
CA PHE B 291 -6.39 -1.24 11.96
C PHE B 291 -6.83 0.20 12.14
N LEU B 292 -5.94 1.02 12.70
CA LEU B 292 -6.19 2.45 12.81
C LEU B 292 -4.88 3.18 12.62
N SER B 293 -4.89 4.25 11.84
CA SER B 293 -3.68 5.06 11.71
C SER B 293 -3.93 6.44 12.29
N GLU B 294 -2.93 6.94 13.00
CA GLU B 294 -2.91 8.25 13.62
C GLU B 294 -1.72 9.02 13.06
N PRO B 295 -1.89 10.27 12.69
CA PRO B 295 -3.15 11.04 12.68
C PRO B 295 -3.97 10.72 11.44
N MET B 296 -5.21 11.22 11.35
CA MET B 296 -6.05 11.09 10.17
C MET B 296 -5.94 12.28 9.23
N GLN B 297 -4.98 13.17 9.46
CA GLN B 297 -4.73 14.28 8.55
C GLN B 297 -3.27 14.70 8.62
N HIS B 298 -2.81 15.34 7.55
CA HIS B 298 -1.50 16.00 7.57
C HIS B 298 -1.47 17.01 6.44
N GLY B 299 -1.16 18.26 6.77
CA GLY B 299 -1.24 19.31 5.76
C GLY B 299 -2.60 19.31 5.09
N ARG B 300 -2.58 19.18 3.76
CA ARG B 300 -3.82 19.30 2.98
C ARG B 300 -4.55 17.97 2.81
N LEU B 301 -4.04 16.88 3.39
CA LEU B 301 -4.59 15.54 3.21
C LEU B 301 -5.41 15.15 4.43
N PHE B 302 -6.66 14.74 4.18
CA PHE B 302 -7.56 14.25 5.23
C PHE B 302 -8.03 12.85 4.85
N LEU B 303 -7.74 11.88 5.71
CA LEU B 303 -8.15 10.50 5.50
C LEU B 303 -9.53 10.28 6.11
N ALA B 304 -10.35 9.48 5.42
CA ALA B 304 -11.66 9.12 5.95
C ALA B 304 -11.99 7.68 5.61
N GLY B 305 -12.80 7.06 6.47
CA GLY B 305 -13.27 5.72 6.13
C GLY B 305 -12.17 4.68 6.21
N ASP B 306 -12.31 3.63 5.38
CA ASP B 306 -11.38 2.51 5.39
C ASP B 306 -9.96 2.91 5.08
N ALA B 307 -9.75 4.04 4.40
CA ALA B 307 -8.38 4.52 4.22
C ALA B 307 -7.72 4.82 5.56
N ALA B 308 -8.50 5.25 6.55
CA ALA B 308 -7.93 5.60 7.85
C ALA B 308 -8.01 4.48 8.87
N HIS B 309 -8.92 3.54 8.69
CA HIS B 309 -9.18 2.56 9.75
C HIS B 309 -10.04 1.44 9.19
N ILE B 310 -9.83 0.22 9.69
CA ILE B 310 -10.77 -0.85 9.40
C ILE B 310 -11.06 -1.60 10.70
N VAL B 311 -12.21 -2.27 10.72
CA VAL B 311 -12.59 -3.09 11.88
C VAL B 311 -13.07 -4.44 11.36
N PRO B 312 -13.01 -5.47 12.19
CA PRO B 312 -13.67 -6.74 11.84
C PRO B 312 -15.18 -6.52 11.83
N PRO B 313 -15.88 -6.97 10.79
CA PRO B 313 -17.28 -6.53 10.59
C PRO B 313 -18.39 -7.10 11.48
N THR B 314 -18.08 -7.84 12.55
CA THR B 314 -19.16 -8.41 13.37
C THR B 314 -20.20 -7.37 13.80
N GLY B 315 -19.76 -6.16 14.13
CA GLY B 315 -20.64 -5.16 14.71
C GLY B 315 -21.19 -4.12 13.75
N ALA B 316 -20.96 -4.28 12.44
CA ALA B 316 -21.57 -3.42 11.43
C ALA B 316 -21.16 -1.97 11.68
N LYS B 317 -19.86 -1.72 11.60
CA LYS B 317 -19.36 -0.43 12.03
C LYS B 317 -18.53 0.30 10.97
N GLY B 318 -18.04 -0.38 9.93
CA GLY B 318 -17.14 0.30 9.00
C GLY B 318 -17.77 1.40 8.13
N LEU B 319 -18.82 1.08 7.37
CA LEU B 319 -19.50 2.11 6.59
C LEU B 319 -20.04 3.19 7.52
N ASN B 320 -20.55 2.78 8.69
CA ASN B 320 -21.07 3.76 9.63
C ASN B 320 -19.98 4.72 10.13
N SER B 321 -18.76 4.20 10.39
CA SER B 321 -17.65 5.04 10.81
C SER B 321 -17.16 5.95 9.67
N ALA B 322 -17.15 5.42 8.44
CA ALA B 322 -16.82 6.25 7.29
C ALA B 322 -17.77 7.45 7.20
N MET B 323 -19.07 7.18 7.36
CA MET B 323 -20.06 8.25 7.30
C MET B 323 -19.86 9.24 8.43
N ALA B 324 -19.50 8.76 9.61
CA ALA B 324 -19.19 9.66 10.72
C ALA B 324 -17.96 10.51 10.40
N ASP B 325 -16.94 9.90 9.80
CA ASP B 325 -15.76 10.69 9.43
C ASP B 325 -16.16 11.79 8.45
N ILE B 326 -16.93 11.44 7.42
CA ILE B 326 -17.32 12.39 6.38
C ILE B 326 -18.24 13.46 6.94
N LYS B 327 -19.11 13.10 7.89
CA LYS B 327 -19.93 14.13 8.54
C LYS B 327 -19.05 15.21 9.15
N VAL B 328 -18.02 14.80 9.89
CA VAL B 328 -17.08 15.74 10.51
C VAL B 328 -16.29 16.50 9.45
N LEU B 329 -15.78 15.78 8.43
CA LEU B 329 -14.91 16.38 7.44
C LEU B 329 -15.66 17.40 6.59
N ALA B 330 -16.86 17.02 6.12
CA ALA B 330 -17.66 17.95 5.33
C ALA B 330 -17.99 19.22 6.12
N ALA B 331 -18.40 19.06 7.39
CA ALA B 331 -18.72 20.22 8.21
C ALA B 331 -17.49 21.09 8.41
N ALA B 332 -16.33 20.45 8.56
CA ALA B 332 -15.11 21.22 8.76
C ALA B 332 -14.75 21.98 7.50
N LEU B 333 -14.94 21.35 6.34
CA LEU B 333 -14.62 22.05 5.10
C LEU B 333 -15.58 23.21 4.90
N VAL B 334 -16.84 23.02 5.24
CA VAL B 334 -17.84 24.09 5.13
C VAL B 334 -17.45 25.26 6.04
N ASP B 335 -17.01 24.95 7.27
CA ASP B 335 -16.64 26.03 8.19
C ASP B 335 -15.48 26.83 7.65
N HIS B 336 -14.53 26.15 7.00
CA HIS B 336 -13.38 26.83 6.44
C HIS B 336 -13.77 27.71 5.26
N TYR B 337 -14.58 27.17 4.33
CA TYR B 337 -14.88 27.89 3.09
C TYR B 337 -15.98 28.92 3.27
N ARG B 338 -17.00 28.59 4.04
CA ARG B 338 -18.13 29.50 4.16
C ARG B 338 -18.00 30.44 5.37
N HIS B 339 -17.40 30.01 6.46
CA HIS B 339 -17.56 30.76 7.71
C HIS B 339 -16.26 31.30 8.30
N GLY B 340 -15.13 31.21 7.58
CA GLY B 340 -13.89 31.77 8.08
C GLY B 340 -13.39 31.10 9.34
N ARG B 341 -13.73 29.82 9.55
CA ARG B 341 -13.32 29.09 10.74
C ARG B 341 -12.54 27.86 10.27
N SER B 342 -11.22 27.94 10.26
CA SER B 342 -10.41 26.80 9.84
C SER B 342 -10.05 25.87 11.00
N ASP B 343 -10.46 26.19 12.22
CA ASP B 343 -10.06 25.36 13.35
C ASP B 343 -10.70 24.00 13.32
N ARG B 344 -11.85 23.85 12.66
CA ARG B 344 -12.51 22.56 12.68
C ARG B 344 -11.80 21.58 11.79
N LEU B 345 -11.20 22.05 10.69
CA LEU B 345 -10.26 21.22 9.95
C LEU B 345 -9.10 20.81 10.84
N ALA B 346 -8.58 21.74 11.65
CA ALA B 346 -7.41 21.44 12.45
C ALA B 346 -7.69 20.32 13.45
N THR B 347 -8.92 20.21 13.96
CA THR B 347 -9.28 19.22 14.97
C THR B 347 -10.01 18.01 14.38
N TYR B 348 -10.02 17.87 13.05
CA TYR B 348 -10.66 16.74 12.39
C TYR B 348 -10.18 15.41 12.96
N SER B 349 -8.87 15.19 12.90
CA SER B 349 -8.32 13.90 13.31
C SER B 349 -8.61 13.65 14.79
N GLU B 350 -8.34 14.64 15.65
CA GLU B 350 -8.56 14.49 17.08
C GLU B 350 -10.00 14.02 17.36
N ARG B 351 -10.98 14.63 16.72
CA ARG B 351 -12.38 14.28 16.98
C ARG B 351 -12.75 12.94 16.35
N CYS B 352 -12.32 12.67 15.12
CA CYS B 352 -12.68 11.39 14.52
C CYS B 352 -12.04 10.24 15.29
N LEU B 353 -10.83 10.44 15.82
CA LEU B 353 -10.10 9.36 16.50
C LEU B 353 -10.73 8.99 17.83
N ARG B 354 -11.24 9.98 18.57
CA ARG B 354 -11.88 9.66 19.85
C ARG B 354 -13.04 8.70 19.64
N ARG B 355 -13.87 8.96 18.63
CA ARG B 355 -14.95 8.04 18.33
C ARG B 355 -14.40 6.74 17.82
N MET B 356 -13.43 6.81 16.88
CA MET B 356 -12.95 5.60 16.22
C MET B 356 -12.30 4.64 17.19
N TRP B 357 -11.62 5.15 18.24
CA TRP B 357 -11.02 4.22 19.20
C TRP B 357 -12.08 3.47 20.00
N LEU B 358 -13.23 4.11 20.26
CA LEU B 358 -14.31 3.40 20.95
C LEU B 358 -14.99 2.40 20.03
N VAL B 359 -15.09 2.74 18.74
CA VAL B 359 -15.61 1.79 17.76
C VAL B 359 -14.66 0.60 17.64
N GLN B 360 -13.35 0.86 17.59
CA GLN B 360 -12.35 -0.21 17.55
C GLN B 360 -12.47 -1.13 18.74
N ARG B 361 -12.60 -0.54 19.92
CA ARG B 361 -12.82 -1.30 21.14
C ARG B 361 -14.01 -2.24 21.01
N PHE B 362 -15.15 -1.70 20.58
CA PHE B 362 -16.38 -2.48 20.51
C PHE B 362 -16.28 -3.59 19.46
N SER B 363 -15.77 -3.24 18.26
CA SER B 363 -15.59 -4.23 17.20
C SER B 363 -14.62 -5.33 17.61
N ALA B 364 -13.58 -4.97 18.39
CA ALA B 364 -12.64 -6.00 18.80
C ALA B 364 -13.29 -6.93 19.83
N ALA B 365 -14.02 -6.34 20.76
CA ALA B 365 -14.69 -7.11 21.81
C ALA B 365 -15.65 -8.12 21.22
N LEU B 366 -16.39 -7.75 20.17
CA LEU B 366 -17.28 -8.70 19.53
C LEU B 366 -16.47 -9.79 18.84
N CYS B 367 -15.44 -9.36 18.11
CA CYS B 367 -14.65 -10.30 17.33
C CYS B 367 -13.99 -11.34 18.25
N THR B 368 -13.43 -10.91 19.39
CA THR B 368 -12.72 -11.89 20.21
C THR B 368 -13.68 -12.77 21.00
N MET B 369 -14.92 -12.34 21.14
CA MET B 369 -15.89 -13.12 21.90
C MET B 369 -16.57 -14.19 21.05
N VAL B 370 -16.91 -13.91 19.79
CA VAL B 370 -17.82 -14.79 19.06
C VAL B 370 -17.14 -15.73 18.08
N HIS B 371 -15.83 -15.59 17.85
CA HIS B 371 -15.09 -16.45 16.93
C HIS B 371 -14.20 -17.41 17.69
N GLN B 372 -14.04 -18.61 17.14
CA GLN B 372 -13.14 -19.59 17.74
C GLN B 372 -11.72 -19.30 17.32
N PHE B 373 -10.82 -19.24 18.30
CA PHE B 373 -9.41 -18.94 18.01
C PHE B 373 -8.62 -20.24 18.06
N PRO B 374 -8.04 -20.69 16.94
CA PRO B 374 -7.36 -21.99 16.94
C PRO B 374 -6.23 -22.05 17.97
N GLY B 375 -6.23 -23.11 18.77
CA GLY B 375 -5.16 -23.30 19.74
C GLY B 375 -5.20 -22.35 20.92
N GLN B 376 -6.30 -21.64 21.12
CA GLN B 376 -6.35 -20.62 22.16
C GLN B 376 -6.21 -21.26 23.55
N ASN B 377 -5.53 -20.53 24.45
CA ASN B 377 -5.55 -20.86 25.87
C ASN B 377 -6.97 -21.19 26.33
N GLU B 378 -7.12 -22.32 27.05
CA GLU B 378 -8.45 -22.83 27.39
C GLU B 378 -9.18 -21.88 28.32
N PHE B 379 -8.48 -21.23 29.25
CA PHE B 379 -9.16 -20.27 30.12
C PHE B 379 -9.72 -19.10 29.29
N VAL B 380 -8.90 -18.55 28.41
CA VAL B 380 -9.36 -17.45 27.58
C VAL B 380 -10.54 -17.89 26.72
N ARG B 381 -10.48 -19.12 26.18
CA ARG B 381 -11.61 -19.63 25.41
C ARG B 381 -12.87 -19.70 26.26
N ARG B 382 -12.77 -20.22 27.49
CA ARG B 382 -13.98 -20.34 28.28
C ARG B 382 -14.53 -18.98 28.69
N LEU B 383 -13.69 -17.94 28.75
CA LEU B 383 -14.22 -16.60 29.00
C LEU B 383 -15.13 -16.12 27.88
N GLN B 384 -15.01 -16.67 26.67
CA GLN B 384 -15.93 -16.25 25.62
C GLN B 384 -17.37 -16.49 26.05
N ARG B 385 -17.62 -17.67 26.61
CA ARG B 385 -18.98 -17.97 27.07
C ARG B 385 -19.33 -17.08 28.25
N ALA B 386 -18.36 -16.79 29.12
CA ALA B 386 -18.68 -15.87 30.22
C ALA B 386 -19.07 -14.50 29.66
N ASP B 387 -18.33 -14.02 28.66
CA ASP B 387 -18.64 -12.73 28.04
C ASP B 387 -20.02 -12.74 27.37
N LEU B 388 -20.39 -13.84 26.69
CA LEU B 388 -21.72 -13.93 26.08
C LEU B 388 -22.80 -13.95 27.14
N ASP B 389 -22.59 -14.74 28.20
CA ASP B 389 -23.53 -14.78 29.31
C ASP B 389 -23.72 -13.38 29.90
N TYR B 390 -22.61 -12.70 30.17
CA TYR B 390 -22.74 -11.39 30.79
C TYR B 390 -23.39 -10.38 29.85
N MET B 391 -22.97 -10.38 28.57
CA MET B 391 -23.47 -9.38 27.64
C MET B 391 -24.97 -9.53 27.43
N THR B 392 -25.44 -10.77 27.26
CA THR B 392 -26.86 -10.99 27.03
C THR B 392 -27.68 -11.04 28.30
N GLY B 393 -27.06 -11.40 29.41
CA GLY B 393 -27.79 -11.79 30.60
C GLY B 393 -27.86 -10.74 31.69
N THR B 394 -27.20 -9.59 31.54
CA THR B 394 -27.27 -8.53 32.54
C THR B 394 -27.74 -7.23 31.91
N HIS B 395 -28.36 -6.40 32.75
CA HIS B 395 -28.74 -5.06 32.32
C HIS B 395 -27.54 -4.30 31.81
N ALA B 396 -26.44 -4.30 32.57
CA ALA B 396 -25.28 -3.50 32.19
C ALA B 396 -24.66 -4.00 30.88
N GLY B 397 -24.62 -5.32 30.70
CA GLY B 397 -24.04 -5.89 29.49
C GLY B 397 -24.90 -5.59 28.27
N ARG B 398 -26.22 -5.69 28.44
CA ARG B 398 -27.11 -5.40 27.32
C ARG B 398 -27.05 -3.92 26.95
N LEU B 399 -26.92 -3.05 27.96
CA LEU B 399 -26.85 -1.61 27.74
C LEU B 399 -25.63 -1.27 26.92
N GLN B 400 -24.49 -1.80 27.33
CA GLN B 400 -23.26 -1.48 26.62
C GLN B 400 -23.35 -1.96 25.17
N PHE B 401 -23.82 -3.19 24.97
CA PHE B 401 -23.99 -3.65 23.59
C PHE B 401 -24.90 -2.73 22.81
N ALA B 402 -26.07 -2.40 23.38
CA ALA B 402 -27.09 -1.68 22.62
C ALA B 402 -26.63 -0.27 22.26
N GLU B 403 -26.01 0.45 23.19
CA GLU B 403 -25.56 1.81 22.89
C GLU B 403 -24.45 1.81 21.85
N ASN B 404 -23.59 0.79 21.89
CA ASN B 404 -22.53 0.74 20.90
C ASN B 404 -23.02 0.28 19.55
N PHE B 405 -23.88 -0.74 19.51
CA PHE B 405 -24.26 -1.33 18.24
C PHE B 405 -25.08 -0.35 17.43
N THR B 406 -26.00 0.35 18.08
CA THR B 406 -26.83 1.28 17.33
C THR B 406 -26.10 2.55 16.93
N GLY B 407 -24.90 2.80 17.46
CA GLY B 407 -24.09 3.89 16.96
C GLY B 407 -23.77 4.95 17.99
N LEU B 408 -22.47 5.16 18.23
CA LEU B 408 -22.05 6.16 19.19
C LEU B 408 -22.26 7.57 18.64
N PRO B 409 -22.36 8.57 19.53
CA PRO B 409 -22.44 9.97 19.08
C PRO B 409 -21.29 10.35 18.15
N ILE B 410 -21.54 11.37 17.33
CA ILE B 410 -20.53 11.94 16.43
C ILE B 410 -20.28 13.37 16.88
N GLU B 411 -19.00 13.74 17.00
CA GLU B 411 -18.65 15.09 17.43
C GLU B 411 -18.58 16.04 16.24
PA FAD C . 10.65 -1.33 -9.69
O1A FAD C . 11.73 -0.81 -10.57
O2A FAD C . 9.84 -0.32 -8.88
O5B FAD C . 9.62 -2.19 -10.57
C5B FAD C . 8.43 -2.76 -10.00
C4B FAD C . 7.38 -2.83 -11.10
O4B FAD C . 6.17 -3.35 -10.51
C3B FAD C . 7.01 -1.50 -11.77
O3B FAD C . 7.14 -1.55 -13.19
C2B FAD C . 5.57 -1.25 -11.32
O2B FAD C . 4.77 -0.65 -12.33
C1B FAD C . 5.08 -2.68 -11.11
N9A FAD C . 3.92 -2.80 -10.24
C8A FAD C . 3.63 -2.01 -9.14
N7A FAD C . 2.50 -2.33 -8.55
C5A FAD C . 2.01 -3.38 -9.32
C6A FAD C . 0.85 -4.17 -9.21
N6A FAD C . -0.08 -4.01 -8.25
N1A FAD C . 0.66 -5.14 -10.14
C2A FAD C . 1.57 -5.30 -11.10
N3A FAD C . 2.71 -4.62 -11.30
C4A FAD C . 2.87 -3.68 -10.35
N1 FAD C . 19.84 1.63 -7.70
C2 FAD C . 21.11 1.26 -8.02
O2 FAD C . 21.51 0.09 -7.88
N3 FAD C . 21.99 2.20 -8.53
C4 FAD C . 21.71 3.54 -8.73
O4 FAD C . 22.55 4.29 -9.21
C4X FAD C . 20.36 3.92 -8.37
N5 FAD C . 20.04 5.17 -8.51
C5X FAD C . 18.75 5.53 -8.23
C6 FAD C . 18.41 6.87 -8.38
C7 FAD C . 17.11 7.30 -8.10
C7M FAD C . 16.75 8.75 -8.29
C8 FAD C . 16.16 6.38 -7.62
C8M FAD C . 14.76 6.85 -7.31
C9 FAD C . 16.52 5.05 -7.45
C9A FAD C . 17.81 4.62 -7.73
N10 FAD C . 18.21 3.27 -7.58
C10 FAD C . 19.49 2.90 -7.87
C1' FAD C . 17.29 2.25 -7.07
C2' FAD C . 16.59 1.50 -8.21
O2' FAD C . 16.08 2.42 -9.17
C3' FAD C . 15.46 0.64 -7.65
O3' FAD C . 15.95 -0.07 -6.53
C4' FAD C . 14.97 -0.41 -8.66
O4' FAD C . 14.04 0.22 -9.53
C5' FAD C . 14.29 -1.61 -8.01
O5' FAD C . 13.69 -2.42 -9.06
P FAD C . 12.49 -3.38 -8.77
O1P FAD C . 12.31 -4.23 -10.02
O2P FAD C . 12.67 -4.07 -7.42
O3P FAD C . 11.24 -2.36 -8.64
C1 DHB D . 11.62 6.31 -5.50
C2 DHB D . 12.75 6.29 -4.68
C3 DHB D . 13.53 5.13 -4.56
O3 DHB D . 14.65 5.10 -3.79
C4 DHB D . 13.20 3.97 -5.25
O4 DHB D . 14.00 2.86 -5.12
C5 DHB D . 12.06 3.99 -6.06
C6 DHB D . 11.29 5.15 -6.20
C DHB D . 10.79 7.59 -5.65
O1 DHB D . 10.84 8.45 -4.74
O2 DHB D . 10.16 7.71 -6.72
C1 DHB E . 24.24 7.67 -9.69
C2 DHB E . 25.63 7.74 -9.61
C3 DHB E . 26.28 7.54 -8.38
O3 DHB E . 27.64 7.58 -8.24
C4 DHB E . 25.54 7.27 -7.23
O4 DHB E . 26.19 7.06 -6.04
C5 DHB E . 24.14 7.21 -7.29
C6 DHB E . 23.51 7.41 -8.52
C DHB E . 23.52 7.86 -11.03
O1 DHB E . 22.27 7.86 -11.02
O2 DHB E . 24.27 8.00 -12.03
C1 GOL F . 20.38 32.04 -6.11
O1 GOL F . 19.87 32.28 -7.42
C2 GOL F . 19.35 31.13 -5.34
O2 GOL F . 18.04 31.65 -5.37
C3 GOL F . 19.43 29.72 -6.02
O3 GOL F . 20.78 29.32 -5.97
CA CA G . -7.55 -24.66 -2.66
PA FAD H . -14.40 1.70 0.03
O1A FAD H . -15.83 1.29 0.07
O2A FAD H . -13.34 0.64 0.03
O5B FAD H . -14.16 2.63 -1.23
C5B FAD H . -12.82 3.03 -1.57
C4B FAD H . -12.84 3.32 -3.03
O4B FAD H . -11.55 3.87 -3.40
C3B FAD H . -13.08 2.10 -3.93
O3B FAD H . -14.09 2.37 -4.89
C2B FAD H . -11.73 1.90 -4.63
O2B FAD H . -11.95 1.39 -5.95
C1B FAD H . -11.20 3.33 -4.64
N9A FAD H . -9.76 3.41 -4.78
C8A FAD H . -8.82 2.54 -4.27
N7A FAD H . -7.60 2.83 -4.61
C5A FAD H . -7.73 3.95 -5.43
C6A FAD H . -6.79 4.75 -6.10
N6A FAD H . -5.48 4.53 -6.08
N1A FAD H . -7.26 5.79 -6.81
C2A FAD H . -8.57 6.02 -6.83
N3A FAD H . -9.55 5.34 -6.23
C4A FAD H . -9.06 4.32 -5.53
N1 FAD H . -19.87 -1.61 7.55
C2 FAD H . -21.03 -1.22 8.15
O2 FAD H . -21.19 -0.07 8.60
N3 FAD H . -22.04 -2.15 8.33
C4 FAD H . -22.00 -3.47 7.93
O4 FAD H . -22.96 -4.20 8.13
C4X FAD H . -20.77 -3.86 7.29
N5 FAD H . -20.65 -5.11 6.89
C5X FAD H . -19.49 -5.48 6.25
C6 FAD H . -19.36 -6.78 5.80
C7 FAD H . -18.21 -7.21 5.15
C7M FAD H . -18.10 -8.65 4.70
C8 FAD H . -17.18 -6.30 4.91
C8M FAD H . -15.91 -6.75 4.22
C9 FAD H . -17.30 -4.98 5.35
C9A FAD H . -18.45 -4.56 6.01
N10 FAD H . -18.61 -3.23 6.47
C10 FAD H . -19.77 -2.85 7.10
C1' FAD H . -17.56 -2.20 6.24
C2' FAD H . -17.86 -1.32 5.02
O2' FAD H . -18.16 -2.10 3.86
C3' FAD H . -16.62 -0.46 4.71
O3' FAD H . -16.19 0.14 5.93
C4' FAD H . -16.85 0.62 3.64
O4' FAD H . -16.75 0.01 2.36
C5' FAD H . -15.89 1.79 3.72
O5' FAD H . -16.16 2.69 2.62
P FAD H . -15.05 3.66 2.05
O1P FAD H . -15.75 4.58 1.04
O2P FAD H . -14.30 4.23 3.18
O3P FAD H . -14.05 2.66 1.25
C1 DHB I . -24.54 -7.65 8.81
C2 DHB I . -25.47 -7.70 9.84
C3 DHB I . -25.09 -7.58 11.16
O3 DHB I . -25.99 -7.63 12.21
C4 DHB I . -23.74 -7.38 11.49
O4 DHB I . -23.40 -7.24 12.82
C5 DHB I . -22.80 -7.31 10.47
C6 DHB I . -23.19 -7.45 9.15
C DHB I . -24.97 -7.76 7.35
O1 DHB I . -26.20 -7.84 7.11
O2 DHB I . -24.06 -7.71 6.52
C1 DHB J . -12.42 -6.19 3.42
C2 DHB J . -12.64 -6.25 4.80
C3 DHB J . -13.12 -5.12 5.48
O3 DHB J . -13.38 -5.11 6.83
C4 DHB J . -13.36 -3.93 4.81
O4 DHB J . -13.84 -2.85 5.53
C5 DHB J . -13.14 -3.87 3.44
C6 DHB J . -12.67 -4.99 2.75
C DHB J . -11.91 -7.43 2.66
O1 DHB J . -11.38 -8.34 3.33
O2 DHB J . -12.09 -7.44 1.41
C1 GOL K . -19.55 -32.13 7.64
O1 GOL K . -20.17 -32.34 6.41
C2 GOL K . -18.21 -31.33 7.42
O2 GOL K . -17.49 -31.80 6.34
C3 GOL K . -18.61 -29.81 7.25
O3 GOL K . -19.81 -29.53 7.90
CA CA L . -24.75 -32.49 3.84
#